data_3QSC
# 
_entry.id   3QSC 
# 
_audit_conform.dict_name       mmcif_pdbx.dic 
_audit_conform.dict_version    5.379 
_audit_conform.dict_location   http://mmcif.pdb.org/dictionaries/ascii/mmcif_pdbx.dic 
# 
loop_
_database_2.database_id 
_database_2.database_code 
_database_2.pdbx_database_accession 
_database_2.pdbx_DOI 
PDB   3QSC         pdb_00003qsc 10.2210/pdb3qsc/pdb 
NDB   NA0987       ?            ?                   
RCSB  RCSB064041   ?            ?                   
WWPDB D_1000064041 ?            ?                   
# 
loop_
_pdbx_database_related.db_name 
_pdbx_database_related.db_id 
_pdbx_database_related.details 
_pdbx_database_related.content_type 
PDB 3CE5 'The same human telomeric G-quadruplex bound to an acridine ligand (Braco19)' unspecified 
PDB 3CCO 'The same human telomeric G-quadruplex bound to a nathphalene diimde ligand'  unspecified 
PDB 3CDM 'The same human telomeric G-quadruplex bound to a nathphalene diimde ligand'  unspecified 
PDB 1KF1 'The same human telomeric G-quadruplex in its native (ligand-free) form.'     unspecified 
PDB 1K8P 'The same human telomeric G-quadruplex in its native (ligand-free) form.'     unspecified 
PDB 2HRI 'The same human telomeric G-quadruplex bound to a porphyrin ligand'           unspecified 
PDB 3qsf .                                                                             unspecified 
# 
_pdbx_database_status.entry_id                        3QSC 
_pdbx_database_status.deposit_site                    RCSB 
_pdbx_database_status.process_site                    RCSB 
_pdbx_database_status.recvd_initial_deposition_date   2011-02-21 
_pdbx_database_status.status_code                     REL 
_pdbx_database_status.status_code_sf                  REL 
_pdbx_database_status.status_code_mr                  ? 
_pdbx_database_status.SG_entry                        ? 
_pdbx_database_status.status_code_cs                  ? 
_pdbx_database_status.methods_development_category    ? 
_pdbx_database_status.pdb_format_compatible           Y 
_pdbx_database_status.status_code_nmr_data            ? 
# 
loop_
_audit_author.name 
_audit_author.pdbx_ordinal 
'Campbell, N.H.'  1 
'Abd Karim, N.H.' 2 
'Parkinson, G.N.' 3 
'Vilar, R.'       4 
'Neidle, S.'      5 
# 
_citation.id                        primary 
_citation.title                     
'Molecular basis of structure-activity relationships between salphen metal complexes and human telomeric DNA quadruplexes.' 
_citation.journal_abbrev            J.Med.Chem. 
_citation.journal_volume            55 
_citation.page_first                209 
_citation.page_last                 222 
_citation.year                      2012 
_citation.journal_id_ASTM           JMCMAR 
_citation.country                   US 
_citation.journal_id_ISSN           0022-2623 
_citation.journal_id_CSD            0151 
_citation.book_publisher            ? 
_citation.pdbx_database_id_PubMed   22112241 
_citation.pdbx_database_id_DOI      10.1021/jm201140v 
# 
loop_
_citation_author.citation_id 
_citation_author.name 
_citation_author.ordinal 
_citation_author.identifier_ORCID 
primary 'Campbell, N.H.'  1 ? 
primary 'Karim, N.H.'     2 ? 
primary 'Parkinson, G.N.' 3 ? 
primary 'Gunaratnam, M.'  4 ? 
primary 'Petrucci, V.'    5 ? 
primary 'Todd, A.K.'      6 ? 
primary 'Vilar, R.'       7 ? 
primary 'Neidle, S.'      8 ? 
# 
_cell.length_a           43.753 
_cell.length_b           54.786 
_cell.length_c           33.430 
_cell.angle_alpha        90.000 
_cell.angle_beta         90.000 
_cell.angle_gamma        90.000 
_cell.entry_id           3QSC 
_cell.pdbx_unique_axis   ? 
_cell.Z_PDB              8 
_cell.length_a_esd       ? 
_cell.length_b_esd       ? 
_cell.length_c_esd       ? 
_cell.angle_alpha_esd    ? 
_cell.angle_beta_esd     ? 
_cell.angle_gamma_esd    ? 
# 
_symmetry.space_group_name_H-M             'C 2 2 2' 
_symmetry.entry_id                         3QSC 
_symmetry.Int_Tables_number                21 
_symmetry.pdbx_full_space_group_name_H-M   ? 
_symmetry.cell_setting                     ? 
_symmetry.space_group_name_Hall            ? 
# 
loop_
_entity.id 
_entity.type 
_entity.src_method 
_entity.pdbx_description 
_entity.formula_weight 
_entity.pdbx_number_of_molecules 
_entity.pdbx_ec 
_entity.pdbx_mutation 
_entity.pdbx_fragment 
_entity.details 
1 polymer     syn "5'-D(*AP*GP*GP*GP*TP*(BRU)P*AP*GP*GP*GP*TP*T)-3'" 3838.332 1  ? ? ? 'Human telomeric G-quadruplex DNA' 
2 non-polymer syn 'POTASSIUM ION' 39.098   3  ? ? ? ?                                  
3 non-polymer syn 
;[2,2'-{(4,5-difluorobenzene-1,2-diyl)bis[(nitrilo-kappaN)methylylidene]}bis{5-[2-(piperidin-1-yl)ethoxy]phenolato-kappaO}(2-)]copper (II)
;
668.233  1  ? ? ? ?                                  
4 water       nat water 18.015   27 ? ? ? ?                                  
# 
_entity_poly.entity_id                      1 
_entity_poly.type                           polydeoxyribonucleotide 
_entity_poly.nstd_linkage                   no 
_entity_poly.nstd_monomer                   yes 
_entity_poly.pdbx_seq_one_letter_code       '(DA)(DG)(DG)(DG)(DT)(BRU)(DA)(DG)(DG)(DG)(DT)(DT)' 
_entity_poly.pdbx_seq_one_letter_code_can   AGGGTUAGGGTT 
_entity_poly.pdbx_strand_id                 X 
_entity_poly.pdbx_target_identifier         ? 
# 
loop_
_entity_poly_seq.entity_id 
_entity_poly_seq.num 
_entity_poly_seq.mon_id 
_entity_poly_seq.hetero 
1 1  DA  n 
1 2  DG  n 
1 3  DG  n 
1 4  DG  n 
1 5  DT  n 
1 6  BRU n 
1 7  DA  n 
1 8  DG  n 
1 9  DG  n 
1 10 DG  n 
1 11 DT  n 
1 12 DT  n 
# 
_pdbx_entity_src_syn.entity_id              1 
_pdbx_entity_src_syn.pdbx_src_id            1 
_pdbx_entity_src_syn.pdbx_alt_source_flag   sample 
_pdbx_entity_src_syn.pdbx_beg_seq_num       ? 
_pdbx_entity_src_syn.pdbx_end_seq_num       ? 
_pdbx_entity_src_syn.organism_scientific    ? 
_pdbx_entity_src_syn.organism_common_name   ? 
_pdbx_entity_src_syn.ncbi_taxonomy_id       ? 
_pdbx_entity_src_syn.details                'This sequence occurs naturally in humans' 
# 
_struct_ref.id                         1 
_struct_ref.db_name                    PDB 
_struct_ref.db_code                    3QSC 
_struct_ref.pdbx_db_accession          3QSC 
_struct_ref.entity_id                  1 
_struct_ref.pdbx_align_begin           ? 
_struct_ref.pdbx_seq_one_letter_code   AGGGTUAGGGTT 
_struct_ref.pdbx_db_isoform            ? 
# 
_struct_ref_seq.align_id                      1 
_struct_ref_seq.ref_id                        1 
_struct_ref_seq.pdbx_PDB_id_code              3QSC 
_struct_ref_seq.pdbx_strand_id                X 
_struct_ref_seq.seq_align_beg                 1 
_struct_ref_seq.pdbx_seq_align_beg_ins_code   ? 
_struct_ref_seq.seq_align_end                 12 
_struct_ref_seq.pdbx_seq_align_end_ins_code   ? 
_struct_ref_seq.pdbx_db_accession             3QSC 
_struct_ref_seq.db_align_beg                  1001 
_struct_ref_seq.pdbx_db_align_beg_ins_code    ? 
_struct_ref_seq.db_align_end                  1012 
_struct_ref_seq.pdbx_db_align_end_ins_code    ? 
_struct_ref_seq.pdbx_auth_seq_align_beg       1001 
_struct_ref_seq.pdbx_auth_seq_align_end       1012 
# 
loop_
_chem_comp.id 
_chem_comp.type 
_chem_comp.mon_nstd_flag 
_chem_comp.name 
_chem_comp.pdbx_synonyms 
_chem_comp.formula 
_chem_comp.formula_weight 
BRU 'DNA linking' n "5-BROMO-2'-DEOXYURIDINE-5'-MONOPHOSPHATE" ? 'C9 H12 Br N2 O8 P'   387.078 
CUF non-polymer   . 
;[2,2'-{(4,5-difluorobenzene-1,2-diyl)bis[(nitrilo-kappaN)methylylidene]}bis{5-[2-(piperidin-1-yl)ethoxy]phenolato-kappaO}(2-)]copper (II)
;
'N,N-Bis[4-[[1-(2-ethyl)piperidine]oxy]salicylidene]-4,5-difluoro-1,2-phenylenediamine-Copper (II)' 'C34 H38 Cu F2 N4 O4' 668.233 
DA  'DNA linking' y "2'-DEOXYADENOSINE-5'-MONOPHOSPHATE" ? 'C10 H14 N5 O6 P'     331.222 
DG  'DNA linking' y "2'-DEOXYGUANOSINE-5'-MONOPHOSPHATE" ? 'C10 H14 N5 O7 P'     347.221 
DT  'DNA linking' y "THYMIDINE-5'-MONOPHOSPHATE" ? 'C10 H15 N2 O8 P'     322.208 
HOH non-polymer   . WATER ?                                                                                                   
'H2 O'                18.015  
K   non-polymer   . 'POTASSIUM ION' ? 'K 1'                 39.098  
# 
_exptl.crystals_number   1 
_exptl.entry_id          3QSC 
_exptl.method            'X-RAY DIFFRACTION' 
# 
_exptl_crystal.id                    1 
_exptl_crystal.density_Matthews      2.61 
_exptl_crystal.density_meas          ? 
_exptl_crystal.density_percent_sol   52.87 
_exptl_crystal.description           ? 
_exptl_crystal.F_000                 ? 
_exptl_crystal.preparation           ? 
# 
_exptl_crystal_grow.crystal_id      1 
_exptl_crystal_grow.method          'VAPOR DIFFUSION, HANGING DROP' 
_exptl_crystal_grow.pH              7.0 
_exptl_crystal_grow.temp            293.15 
_exptl_crystal_grow.temp_details    ? 
_exptl_crystal_grow.pdbx_details    
;Initial conditions were 0.6 mM quadruplex DNA, 0.6 mM ligand, 0.4% PEG 2000 (w/v), 100mM potassium chloride, 100mM sodium chloride, 100mM lithium sulphate, 20mM potassium cacodylate, equilibrated against a reservoir well solution of 60% PEG 2000 (w/v), pH 7.0, VAPOR DIFFUSION, HANGING DROP, temperature 293.15K
;
_exptl_crystal_grow.pdbx_pH_range   ? 
# 
_diffrn.id                     1 
_diffrn.ambient_temp           105 
_diffrn.ambient_temp_details   ? 
_diffrn.crystal_id             1 
# 
_diffrn_detector.diffrn_id              1 
_diffrn_detector.detector               CCD 
_diffrn_detector.type                   'ADSC QUANTUM 315r' 
_diffrn_detector.pdbx_collection_date   2010-10-26 
_diffrn_detector.details                ? 
# 
_diffrn_radiation.diffrn_id                        1 
_diffrn_radiation.wavelength_id                    1 
_diffrn_radiation.pdbx_diffrn_protocol             MAD 
_diffrn_radiation.monochromator                    ? 
_diffrn_radiation.pdbx_monochromatic_or_laue_m_l   M 
_diffrn_radiation.pdbx_scattering_type             x-ray 
# 
loop_
_diffrn_radiation_wavelength.id 
_diffrn_radiation_wavelength.wavelength 
_diffrn_radiation_wavelength.wt 
1 0.90740 1.0 
2 0.92060 1.0 
3 0.92110 1.0 
# 
_diffrn_source.diffrn_id                   1 
_diffrn_source.source                      SYNCHROTRON 
_diffrn_source.type                        'DIAMOND BEAMLINE I03' 
_diffrn_source.pdbx_wavelength             ? 
_diffrn_source.pdbx_wavelength_list        '0.90740, 0.92060, 0.92110' 
_diffrn_source.pdbx_synchrotron_site       Diamond 
_diffrn_source.pdbx_synchrotron_beamline   I03 
# 
_reflns.entry_id                     3QSC 
_reflns.d_resolution_high            2.254 
_reflns.d_resolution_low             21.188 
_reflns.number_all                   2020 
_reflns.number_obs                   2020 
_reflns.pdbx_netI_over_sigmaI        24.900 
_reflns.pdbx_Rsym_value              0.034 
_reflns.pdbx_redundancy              3.800 
_reflns.percent_possible_obs         98.200 
_reflns.observed_criterion_sigma_F   0 
_reflns.observed_criterion_sigma_I   0 
_reflns.pdbx_Rmerge_I_obs            ? 
_reflns.B_iso_Wilson_estimate        ? 
_reflns.R_free_details               ? 
_reflns.limit_h_max                  ? 
_reflns.limit_h_min                  ? 
_reflns.limit_k_max                  ? 
_reflns.limit_k_min                  ? 
_reflns.limit_l_max                  ? 
_reflns.limit_l_min                  ? 
_reflns.observed_criterion_F_max     ? 
_reflns.observed_criterion_F_min     ? 
_reflns.pdbx_chi_squared             ? 
_reflns.pdbx_scaling_rejects         ? 
_reflns.pdbx_ordinal                 1 
_reflns.pdbx_diffrn_id               1 
# 
loop_
_reflns_shell.d_res_high 
_reflns_shell.d_res_low 
_reflns_shell.number_measured_obs 
_reflns_shell.number_measured_all 
_reflns_shell.number_unique_obs 
_reflns_shell.Rmerge_I_obs 
_reflns_shell.meanI_over_sigI_obs 
_reflns_shell.pdbx_Rsym_value 
_reflns_shell.pdbx_chi_squared 
_reflns_shell.pdbx_redundancy 
_reflns_shell.percent_possible_obs 
_reflns_shell.number_unique_all 
_reflns_shell.percent_possible_all 
_reflns_shell.pdbx_ordinal 
_reflns_shell.pdbx_diffrn_id 
2.250 2.380  ? 701  ? 0.095 8.100  0.095 ? 2.600 ? 271 91.500  1  1 
2.380 2.520  ? 1174 ? 0.062 11.800 0.062 ? 4.200 ? 282 99.900  2  1 
2.520 2.690  ? 1080 ? 0.044 15.000 0.044 ? 4.300 ? 254 100.000 3  1 
2.690 2.910  ? 1016 ? 0.039 16.200 0.039 ? 4.200 ? 243 100.000 4  1 
2.910 3.190  ? 940  ? 0.031 16.200 0.031 ? 4.100 ? 227 100.000 5  1 
3.190 3.560  ? 806  ? 0.032 14.300 0.032 ? 4.100 ? 199 98.800  6  1 
3.560 4.120  ? 737  ? 0.028 19.800 0.028 ? 4.000 ? 185 99.800  7  1 
4.120 5.040  ? 607  ? 0.036 15.800 0.036 ? 3.700 ? 162 99.600  8  1 
5.040 7.130  ? 428  ? 0.030 17.300 0.030 ? 3.400 ? 127 98.800  9  1 
7.130 21.876 ? 220  ? 0.031 18.500 0.031 ? 3.100 ? 70  90.200  10 1 
# 
_refine.entry_id                                 3QSC 
_refine.ls_d_res_high                            2.4000 
_refine.ls_d_res_low                             15.0000 
_refine.pdbx_ls_sigma_F                          0.000 
_refine.pdbx_data_cutoff_high_absF               ? 
_refine.pdbx_data_cutoff_low_absF                ? 
_refine.ls_percent_reflns_obs                    99.0600 
_refine.ls_number_reflns_obs                     1687 
_refine.ls_number_reflns_all                     1687 
_refine.pdbx_ls_cross_valid_method               THROUGHOUT 
_refine.pdbx_R_Free_selection_details            RANDOM 
_refine.details                                  ? 
_refine.ls_R_factor_all                          ? 
_refine.ls_R_factor_obs                          0.2142 
_refine.ls_R_factor_R_work                       0.2132 
_refine.ls_wR_factor_R_work                      0.2426 
_refine.ls_R_factor_R_free                       0.2343 
_refine.ls_wR_factor_R_free                      0.2684 
_refine.ls_percent_reflns_R_free                 4.6000 
_refine.ls_number_reflns_R_free                  77 
_refine.ls_R_factor_R_free_error                 ? 
_refine.B_iso_mean                               35.2997 
_refine.solvent_model_param_bsol                 ? 
_refine.solvent_model_param_ksol                 ? 
_refine.pdbx_isotropic_thermal_model             ? 
_refine.aniso_B[1][1]                            -0.2500 
_refine.aniso_B[2][2]                            0.8400 
_refine.aniso_B[3][3]                            -0.5800 
_refine.aniso_B[1][2]                            0.0000 
_refine.aniso_B[1][3]                            0.0000 
_refine.aniso_B[2][3]                            0.0000 
_refine.correlation_coeff_Fo_to_Fc               0.9390 
_refine.correlation_coeff_Fo_to_Fc_free          0.9130 
_refine.overall_SU_R_Cruickshank_DPI             0.4643 
_refine.overall_SU_R_free                        0.2498 
_refine.pdbx_overall_ESU_R_Free                  0.2500 
_refine.overall_SU_ML                            0.1810 
_refine.overall_SU_B                             8.6280 
_refine.solvent_model_details                    MASK 
_refine.pdbx_solvent_vdw_probe_radii             1.4000 
_refine.pdbx_solvent_ion_probe_radii             0.8000 
_refine.pdbx_solvent_shrinkage_radii             0.8000 
_refine.ls_number_parameters                     ? 
_refine.ls_number_restraints                     ? 
_refine.pdbx_starting_model                      1K8P 
_refine.pdbx_method_to_determine_struct          MAD 
_refine.pdbx_stereochemistry_target_values       'MAXIMUM LIKELIHOOD' 
_refine.pdbx_stereochem_target_val_spec_case     ? 
_refine.overall_FOM_work_R_set                   0.7823 
_refine.B_iso_max                                67.480 
_refine.B_iso_min                                13.140 
_refine.occupancy_max                            1.000 
_refine.occupancy_min                            0.250 
_refine.pdbx_ls_sigma_I                          ? 
_refine.ls_redundancy_reflns_obs                 ? 
_refine.ls_R_factor_R_free_error_details         ? 
_refine.pdbx_data_cutoff_high_rms_absF           ? 
_refine.overall_FOM_free_R_set                   ? 
_refine.pdbx_overall_phase_error                 ? 
_refine.pdbx_refine_id                           'X-RAY DIFFRACTION' 
_refine.pdbx_overall_ESU_R                       ? 
_refine.pdbx_diffrn_id                           1 
_refine.pdbx_TLS_residual_ADP_flag               ? 
_refine.pdbx_overall_SU_R_free_Cruickshank_DPI   ? 
_refine.pdbx_overall_SU_R_Blow_DPI               ? 
_refine.pdbx_overall_SU_R_free_Blow_DPI          ? 
# 
_refine_hist.pdbx_refine_id                   'X-RAY DIFFRACTION' 
_refine_hist.cycle_id                         LAST 
_refine_hist.pdbx_number_atoms_protein        0 
_refine_hist.pdbx_number_atoms_nucleic_acid   231 
_refine_hist.pdbx_number_atoms_ligand         48 
_refine_hist.number_atoms_solvent             27 
_refine_hist.number_atoms_total               306 
_refine_hist.d_res_high                       2.4000 
_refine_hist.d_res_low                        15.0000 
# 
loop_
_refine_ls_restr.type 
_refine_ls_restr.number 
_refine_ls_restr.dev_ideal 
_refine_ls_restr.dev_ideal_target 
_refine_ls_restr.weight 
_refine_ls_restr.pdbx_refine_id 
_refine_ls_restr.pdbx_restraint_function 
r_bond_refined_d     312 0.011 0.021 ? 'X-RAY DIFFRACTION' ? 
r_angle_refined_deg  476 1.559 3.000 ? 'X-RAY DIFFRACTION' ? 
r_chiral_restr       44  0.056 0.200 ? 'X-RAY DIFFRACTION' ? 
r_gen_planes_refined 169 0.023 0.020 ? 'X-RAY DIFFRACTION' ? 
r_scbond_it          312 2.847 3.000 ? 'X-RAY DIFFRACTION' ? 
r_scangle_it         476 4.310 4.500 ? 'X-RAY DIFFRACTION' ? 
# 
_refine_ls_shell.d_res_high                       2.4000 
_refine_ls_shell.d_res_low                        2.4610 
_refine_ls_shell.pdbx_total_number_of_bins_used   20 
_refine_ls_shell.percent_reflns_obs               100.0000 
_refine_ls_shell.number_reflns_R_work             107 
_refine_ls_shell.R_factor_all                     ? 
_refine_ls_shell.R_factor_R_work                  0.3370 
_refine_ls_shell.R_factor_R_free                  0.2260 
_refine_ls_shell.percent_reflns_R_free            ? 
_refine_ls_shell.number_reflns_R_free             6 
_refine_ls_shell.R_factor_R_free_error            ? 
_refine_ls_shell.number_reflns_all                113 
_refine_ls_shell.number_reflns_obs                107 
_refine_ls_shell.redundancy_reflns_obs            ? 
_refine_ls_shell.pdbx_refine_id                   'X-RAY DIFFRACTION' 
# 
_struct.entry_id                  3QSC 
_struct.title                     
'The first crystal structure of a human telomeric G-quadruplex DNA bound to a metal-containing ligand (a copper complex)' 
_struct.pdbx_model_details        ? 
_struct.pdbx_CASP_flag            ? 
_struct.pdbx_model_type_details   ? 
# 
_struct_keywords.entry_id        3QSC 
_struct_keywords.pdbx_keywords   DNA 
_struct_keywords.text            'Parallel, telomere, quadruplex, drug, DNA, metal complex, copper complex' 
# 
loop_
_struct_asym.id 
_struct_asym.pdbx_blank_PDB_chainid_flag 
_struct_asym.pdbx_modified 
_struct_asym.entity_id 
_struct_asym.details 
A N N 1 ? 
B N N 2 ? 
C N N 2 ? 
D N N 2 ? 
E N N 3 ? 
F N N 4 ? 
# 
_struct_biol.id        1 
_struct_biol.details   ? 
# 
loop_
_struct_conn.id 
_struct_conn.conn_type_id 
_struct_conn.pdbx_leaving_atom_flag 
_struct_conn.pdbx_PDB_id 
_struct_conn.ptnr1_label_asym_id 
_struct_conn.ptnr1_label_comp_id 
_struct_conn.ptnr1_label_seq_id 
_struct_conn.ptnr1_label_atom_id 
_struct_conn.pdbx_ptnr1_label_alt_id 
_struct_conn.pdbx_ptnr1_PDB_ins_code 
_struct_conn.pdbx_ptnr1_standard_comp_id 
_struct_conn.ptnr1_symmetry 
_struct_conn.ptnr2_label_asym_id 
_struct_conn.ptnr2_label_comp_id 
_struct_conn.ptnr2_label_seq_id 
_struct_conn.ptnr2_label_atom_id 
_struct_conn.pdbx_ptnr2_label_alt_id 
_struct_conn.pdbx_ptnr2_PDB_ins_code 
_struct_conn.ptnr1_auth_asym_id 
_struct_conn.ptnr1_auth_comp_id 
_struct_conn.ptnr1_auth_seq_id 
_struct_conn.ptnr2_auth_asym_id 
_struct_conn.ptnr2_auth_comp_id 
_struct_conn.ptnr2_auth_seq_id 
_struct_conn.ptnr2_symmetry 
_struct_conn.pdbx_ptnr3_label_atom_id 
_struct_conn.pdbx_ptnr3_label_seq_id 
_struct_conn.pdbx_ptnr3_label_comp_id 
_struct_conn.pdbx_ptnr3_label_asym_id 
_struct_conn.pdbx_ptnr3_label_alt_id 
_struct_conn.pdbx_ptnr3_PDB_ins_code 
_struct_conn.details 
_struct_conn.pdbx_dist_value 
_struct_conn.pdbx_value_order 
_struct_conn.pdbx_role 
covale1  covale both ? A DT  5  "O3'" ? ? ? 1_555 A BRU 6  P  ? ? X DT  1005 X BRU 1006 1_555 ? ? ? ? ? ? ?           1.583 ? ? 
covale2  covale both ? A BRU 6  "O3'" ? ? ? 1_555 A DA  7  P  ? ? X BRU 1006 X DA  1007 1_555 ? ? ? ? ? ? ?           1.581 ? ? 
metalc1  metalc ?    ? A DG  2  O6    ? ? ? 1_555 C K   .  K  ? ? X DG  1002 X K   2014 1_555 ? ? ? ? ? ? ?           2.872 ? ? 
metalc2  metalc ?    ? A DG  2  O6    ? ? ? 1_555 D K   .  K  ? ? X DG  1002 X K   2015 1_555 ? ? ? ? ? ? ?           2.633 ? ? 
metalc3  metalc ?    ? A DG  3  O6    ? ? ? 1_555 B K   .  K  ? ? X DG  1003 X K   2013 1_555 ? ? ? ? ? ? ?           2.751 ? ? 
metalc4  metalc ?    ? A DG  3  O6    ? ? ? 1_555 C K   .  K  ? ? X DG  1003 X K   2014 1_555 ? ? ? ? ? ? ?           2.876 ? ? 
metalc5  metalc ?    ? A DG  4  O6    ? ? ? 1_555 B K   .  K  ? ? X DG  1004 X K   2013 1_555 ? ? ? ? ? ? ?           2.802 ? ? 
metalc6  metalc ?    ? A DG  8  O6    ? ? ? 1_555 C K   .  K  ? ? X DG  1008 X K   2014 1_555 ? ? ? ? ? ? ?           2.777 ? ? 
metalc7  metalc ?    ? A DG  8  O6    ? ? ? 1_555 D K   .  K  ? ? X DG  1008 X K   2015 1_555 ? ? ? ? ? ? ?           2.614 ? ? 
metalc8  metalc ?    ? A DG  9  O6    ? ? ? 1_555 B K   .  K  ? ? X DG  1009 X K   2013 1_555 ? ? ? ? ? ? ?           2.611 ? ? 
metalc9  metalc ?    ? A DG  9  O6    ? ? ? 1_555 C K   .  K  ? ? X DG  1009 X K   2014 1_555 ? ? ? ? ? ? ?           3.043 ? ? 
metalc10 metalc ?    ? A DG  10 O6    ? ? ? 1_555 B K   .  K  ? ? X DG  1010 X K   2013 1_555 ? ? ? ? ? ? ?           2.705 ? ? 
hydrog1  hydrog ?    ? A DG  2  N1    ? ? ? 1_555 A DG  8  O6 ? ? X DG  1002 X DG  1008 1_555 ? ? ? ? ? ? TYPE_6_PAIR ?     ? ? 
hydrog2  hydrog ?    ? A DG  2  N2    ? ? ? 1_555 A DG  8  N7 ? ? X DG  1002 X DG  1008 1_555 ? ? ? ? ? ? TYPE_6_PAIR ?     ? ? 
hydrog3  hydrog ?    ? A DG  3  N1    ? ? ? 1_555 A DG  9  O6 ? ? X DG  1003 X DG  1009 1_555 ? ? ? ? ? ? TYPE_6_PAIR ?     ? ? 
hydrog4  hydrog ?    ? A DG  3  N2    ? ? ? 1_555 A DG  9  N7 ? ? X DG  1003 X DG  1009 1_555 ? ? ? ? ? ? TYPE_6_PAIR ?     ? ? 
hydrog5  hydrog ?    ? A DG  4  N1    ? ? ? 1_555 A DG  10 O6 ? ? X DG  1004 X DG  1010 1_555 ? ? ? ? ? ? TYPE_6_PAIR ?     ? ? 
hydrog6  hydrog ?    ? A DG  4  N2    ? ? ? 1_555 A DG  10 N7 ? ? X DG  1004 X DG  1010 1_555 ? ? ? ? ? ? TYPE_6_PAIR ?     ? ? 
# 
loop_
_struct_conn_type.id 
_struct_conn_type.criteria 
_struct_conn_type.reference 
covale ? ? 
metalc ? ? 
hydrog ? ? 
# 
loop_
_struct_site.id 
_struct_site.pdbx_evidence_code 
_struct_site.pdbx_auth_asym_id 
_struct_site.pdbx_auth_comp_id 
_struct_site.pdbx_auth_seq_id 
_struct_site.pdbx_auth_ins_code 
_struct_site.pdbx_num_residues 
_struct_site.details 
AC1 Software X K   2013 ? 10 'BINDING SITE FOR RESIDUE K X 2013'   
AC2 Software X K   2014 ? 14 'BINDING SITE FOR RESIDUE K X 2014'   
AC3 Software X K   2015 ? 12 'BINDING SITE FOR RESIDUE K X 2015'   
AC4 Software X CUF 3016 ? 7  'BINDING SITE FOR RESIDUE CUF X 3016' 
# 
loop_
_struct_site_gen.id 
_struct_site_gen.site_id 
_struct_site_gen.pdbx_num_res 
_struct_site_gen.label_comp_id 
_struct_site_gen.label_asym_id 
_struct_site_gen.label_seq_id 
_struct_site_gen.pdbx_auth_ins_code 
_struct_site_gen.auth_comp_id 
_struct_site_gen.auth_asym_id 
_struct_site_gen.auth_seq_id 
_struct_site_gen.label_atom_id 
_struct_site_gen.label_alt_id 
_struct_site_gen.symmetry 
_struct_site_gen.details 
1  AC1 10 DG A 3  ? DG X 1003 . ? 1_555 ? 
2  AC1 10 DG A 3  ? DG X 1003 . ? 2_665 ? 
3  AC1 10 DG A 4  ? DG X 1004 . ? 1_555 ? 
4  AC1 10 DG A 4  ? DG X 1004 . ? 2_665 ? 
5  AC1 10 DG A 9  ? DG X 1009 . ? 1_555 ? 
6  AC1 10 DG A 9  ? DG X 1009 . ? 2_665 ? 
7  AC1 10 DG A 10 ? DG X 1010 . ? 2_665 ? 
8  AC1 10 DG A 10 ? DG X 1010 . ? 1_555 ? 
9  AC1 10 K  C .  ? K  X 2014 . ? 2_665 ? 
10 AC1 10 K  C .  ? K  X 2014 . ? 1_555 ? 
11 AC2 14 DG A 2  ? DG X 1002 . ? 1_555 ? 
12 AC2 14 DG A 2  ? DG X 1002 . ? 2_665 ? 
13 AC2 14 DG A 3  ? DG X 1003 . ? 2_665 ? 
14 AC2 14 DG A 3  ? DG X 1003 . ? 1_555 ? 
15 AC2 14 DG A 8  ? DG X 1008 . ? 1_555 ? 
16 AC2 14 DG A 8  ? DG X 1008 . ? 2_665 ? 
17 AC2 14 DG A 9  ? DG X 1009 . ? 1_555 ? 
18 AC2 14 DG A 9  ? DG X 1009 . ? 2_665 ? 
19 AC2 14 K  B .  ? K  X 2013 . ? 2_665 ? 
20 AC2 14 K  B .  ? K  X 2013 . ? 1_555 ? 
21 AC2 14 K  D .  ? K  X 2015 . ? 2_665 ? 
22 AC2 14 K  D .  ? K  X 2015 . ? 3_656 ? 
23 AC2 14 K  D .  ? K  X 2015 . ? 4_566 ? 
24 AC2 14 K  D .  ? K  X 2015 . ? 1_555 ? 
25 AC3 12 DG A 2  ? DG X 1002 . ? 1_555 ? 
26 AC3 12 DG A 2  ? DG X 1002 . ? 2_665 ? 
27 AC3 12 DG A 2  ? DG X 1002 . ? 3_656 ? 
28 AC3 12 DG A 2  ? DG X 1002 . ? 4_566 ? 
29 AC3 12 DG A 8  ? DG X 1008 . ? 3_656 ? 
30 AC3 12 DG A 8  ? DG X 1008 . ? 4_566 ? 
31 AC3 12 DG A 8  ? DG X 1008 . ? 1_555 ? 
32 AC3 12 DG A 8  ? DG X 1008 . ? 2_665 ? 
33 AC3 12 K  C .  ? K  X 2014 . ? 3_656 ? 
34 AC3 12 K  C .  ? K  X 2014 . ? 2_665 ? 
35 AC3 12 K  C .  ? K  X 2014 . ? 4_566 ? 
36 AC3 12 K  C .  ? K  X 2014 . ? 1_555 ? 
37 AC4 7  DG A 4  ? DG X 1004 . ? 1_555 ? 
38 AC4 7  DG A 4  ? DG X 1004 . ? 2_665 ? 
39 AC4 7  DG A 10 ? DG X 1010 . ? 2_665 ? 
40 AC4 7  DG A 10 ? DG X 1010 . ? 1_555 ? 
41 AC4 7  DT A 11 ? DT X 1011 . ? 1_555 ? 
42 AC4 7  DT A 11 ? DT X 1011 . ? 4_565 ? 
43 AC4 7  DT A 11 ? DT X 1011 . ? 2_665 ? 
# 
_atom_sites.entry_id                    3QSC 
_atom_sites.fract_transf_matrix[1][1]   0.00373924 
_atom_sites.fract_transf_matrix[1][2]   0.01976843 
_atom_sites.fract_transf_matrix[1][3]   -0.01084547 
_atom_sites.fract_transf_matrix[2][1]   -0.00815064 
_atom_sites.fract_transf_matrix[2][2]   0.00901374 
_atom_sites.fract_transf_matrix[2][3]   0.01361953 
_atom_sites.fract_transf_matrix[3][1]   0.02631391 
_atom_sites.fract_transf_matrix[3][2]   0.00268670 
_atom_sites.fract_transf_matrix[3][3]   0.01396951 
_atom_sites.fract_transf_vector[1]      0.436625 
_atom_sites.fract_transf_vector[2]      0.405482 
_atom_sites.fract_transf_vector[3]      0.304378 
# 
loop_
_atom_type.symbol 
BR 
C  
CU 
F  
K  
N  
O  
P  
# 
loop_
_atom_site.group_PDB 
_atom_site.id 
_atom_site.type_symbol 
_atom_site.label_atom_id 
_atom_site.label_alt_id 
_atom_site.label_comp_id 
_atom_site.label_asym_id 
_atom_site.label_entity_id 
_atom_site.label_seq_id 
_atom_site.pdbx_PDB_ins_code 
_atom_site.Cartn_x 
_atom_site.Cartn_y 
_atom_site.Cartn_z 
_atom_site.occupancy 
_atom_site.B_iso_or_equiv 
_atom_site.pdbx_formal_charge 
_atom_site.auth_seq_id 
_atom_site.auth_comp_id 
_atom_site.auth_asym_id 
_atom_site.auth_atom_id 
_atom_site.pdbx_PDB_model_num 
ATOM   1   O  "O5'" . DA  A 1 1  ? 2.976   10.086  -3.117 1.00 41.50 ? 1001 DA  X "O5'" 1 
ATOM   2   C  "C5'" . DA  A 1 1  ? 2.343   11.128  -3.886 1.00 43.89 ? 1001 DA  X "C5'" 1 
ATOM   3   C  "C4'" . DA  A 1 1  ? 3.280   12.312  -4.062 1.00 43.83 ? 1001 DA  X "C4'" 1 
ATOM   4   O  "O4'" . DA  A 1 1  ? 3.057   13.248  -3.006 1.00 45.94 ? 1001 DA  X "O4'" 1 
ATOM   5   C  "C3'" . DA  A 1 1  ? 4.759   11.977  -3.934 1.00 44.26 ? 1001 DA  X "C3'" 1 
ATOM   6   O  "O3'" . DA  A 1 1  ? 5.287   11.675  -5.208 1.00 40.66 ? 1001 DA  X "O3'" 1 
ATOM   7   C  "C2'" . DA  A 1 1  ? 5.391   13.236  -3.308 1.00 44.45 ? 1001 DA  X "C2'" 1 
ATOM   8   C  "C1'" . DA  A 1 1  ? 4.187   14.082  -2.912 1.00 45.79 ? 1001 DA  X "C1'" 1 
ATOM   9   N  N9    . DA  A 1 1  ? 4.199   14.681  -1.566 1.00 48.13 ? 1001 DA  X N9    1 
ATOM   10  C  C8    . DA  A 1 1  ? 4.291   16.021  -1.257 1.00 49.95 ? 1001 DA  X C8    1 
ATOM   11  N  N7    . DA  A 1 1  ? 4.162   16.298  0.025  1.00 47.68 ? 1001 DA  X N7    1 
ATOM   12  C  C5    . DA  A 1 1  ? 3.900   15.074  0.587  1.00 48.34 ? 1001 DA  X C5    1 
ATOM   13  C  C6    . DA  A 1 1  ? 3.671   14.697  1.904  1.00 46.98 ? 1001 DA  X C6    1 
ATOM   14  N  N6    . DA  A 1 1  ? 3.663   15.544  2.915  1.00 49.53 ? 1001 DA  X N6    1 
ATOM   15  N  N1    . DA  A 1 1  ? 3.469   13.413  2.144  1.00 49.42 ? 1001 DA  X N1    1 
ATOM   16  C  C2    . DA  A 1 1  ? 3.505   12.544  1.113  1.00 50.31 ? 1001 DA  X C2    1 
ATOM   17  N  N3    . DA  A 1 1  ? 3.714   12.767  -0.175 1.00 46.56 ? 1001 DA  X N3    1 
ATOM   18  C  C4    . DA  A 1 1  ? 3.917   14.064  -0.375 1.00 48.26 ? 1001 DA  X C4    1 
ATOM   19  P  P     . DG  A 1 2  ? 6.681   10.927  -5.336 1.00 39.43 ? 1002 DG  X P     1 
ATOM   20  O  OP1   . DG  A 1 2  ? 7.717   11.808  -4.778 1.00 38.14 ? 1002 DG  X OP1   1 
ATOM   21  O  OP2   . DG  A 1 2  ? 6.786   10.412  -6.706 1.00 39.99 ? 1002 DG  X OP2   1 
ATOM   22  O  "O5'" . DG  A 1 2  ? 6.553   9.692   -4.351 1.00 37.09 ? 1002 DG  X "O5'" 1 
ATOM   23  C  "C5'" . DG  A 1 2  ? 5.707   8.637   -4.656 1.00 29.28 ? 1002 DG  X "C5'" 1 
ATOM   24  C  "C4'" . DG  A 1 2  ? 6.332   7.332   -4.218 1.00 26.08 ? 1002 DG  X "C4'" 1 
ATOM   25  O  "O4'" . DG  A 1 2  ? 6.916   7.427   -2.880 1.00 23.13 ? 1002 DG  X "O4'" 1 
ATOM   26  C  "C3'" . DG  A 1 2  ? 5.350   6.190   -4.163 1.00 26.03 ? 1002 DG  X "C3'" 1 
ATOM   27  O  "O3'" . DG  A 1 2  ? 5.253   5.642   -5.478 1.00 26.88 ? 1002 DG  X "O3'" 1 
ATOM   28  C  "C2'" . DG  A 1 2  ? 6.041   5.251   -3.174 1.00 24.32 ? 1002 DG  X "C2'" 1 
ATOM   29  C  "C1'" . DG  A 1 2  ? 6.701   6.216   -2.185 1.00 17.78 ? 1002 DG  X "C1'" 1 
ATOM   30  N  N9    . DG  A 1 2  ? 5.888   6.518   -1.003 1.00 19.59 ? 1002 DG  X N9    1 
ATOM   31  C  C8    . DG  A 1 2  ? 5.485   7.761   -0.562 1.00 18.75 ? 1002 DG  X C8    1 
ATOM   32  N  N7    . DG  A 1 2  ? 4.763   7.725   0.526  1.00 17.27 ? 1002 DG  X N7    1 
ATOM   33  C  C5    . DG  A 1 2  ? 4.712   6.387   0.838  1.00 15.60 ? 1002 DG  X C5    1 
ATOM   34  C  C6    . DG  A 1 2  ? 4.095   5.738   1.929  1.00 20.40 ? 1002 DG  X C6    1 
ATOM   35  O  O6    . DG  A 1 2  ? 3.456   6.231   2.870  1.00 25.36 ? 1002 DG  X O6    1 
ATOM   36  N  N1    . DG  A 1 2  ? 4.250   4.364   1.884  1.00 22.06 ? 1002 DG  X N1    1 
ATOM   37  C  C2    . DG  A 1 2  ? 4.951   3.690   0.919  1.00 22.20 ? 1002 DG  X C2    1 
ATOM   38  N  N2    . DG  A 1 2  ? 5.033   2.366   1.080  1.00 24.44 ? 1002 DG  X N2    1 
ATOM   39  N  N3    . DG  A 1 2  ? 5.558   4.288   -0.111 1.00 23.74 ? 1002 DG  X N3    1 
ATOM   40  C  C4    . DG  A 1 2  ? 5.397   5.634   -0.083 1.00 16.83 ? 1002 DG  X C4    1 
ATOM   41  P  P     . DG  A 1 3  ? 3.929   4.955   -6.059 1.00 27.06 ? 1003 DG  X P     1 
ATOM   42  O  OP1   . DG  A 1 3  ? 4.225   4.687   -7.472 1.00 31.21 ? 1003 DG  X OP1   1 
ATOM   43  O  OP2   . DG  A 1 3  ? 2.680   5.672   -5.709 1.00 25.71 ? 1003 DG  X OP2   1 
ATOM   44  O  "O5'" . DG  A 1 3  ? 3.906   3.602   -5.265 1.00 28.91 ? 1003 DG  X "O5'" 1 
ATOM   45  C  "C5'" . DG  A 1 3  ? 4.903   2.634   -5.417 1.00 30.16 ? 1003 DG  X "C5'" 1 
ATOM   46  C  "C4'" . DG  A 1 3  ? 4.463   1.408   -4.649 1.00 26.13 ? 1003 DG  X "C4'" 1 
ATOM   47  O  "O4'" . DG  A 1 3  ? 4.620   1.732   -3.257 1.00 22.83 ? 1003 DG  X "O4'" 1 
ATOM   48  C  "C3'" . DG  A 1 3  ? 2.978   1.072   -4.822 1.00 25.49 ? 1003 DG  X "C3'" 1 
ATOM   49  O  "O3'" . DG  A 1 3  ? 2.839   0.113   -5.829 1.00 30.22 ? 1003 DG  X "O3'" 1 
ATOM   50  C  "C2'" . DG  A 1 3  ? 2.600   0.490   -3.474 1.00 26.50 ? 1003 DG  X "C2'" 1 
ATOM   51  C  "C1'" . DG  A 1 3  ? 3.535   1.234   -2.517 1.00 22.32 ? 1003 DG  X "C1'" 1 
ATOM   52  N  N9    . DG  A 1 3  ? 2.900   2.321   -1.774 1.00 19.33 ? 1003 DG  X N9    1 
ATOM   53  C  C8    . DG  A 1 3  ? 3.019   3.682   -1.963 1.00 18.71 ? 1003 DG  X C8    1 
ATOM   54  N  N7    . DG  A 1 3  ? 2.300   4.384   -1.125 1.00 16.29 ? 1003 DG  X N7    1 
ATOM   55  C  C5    . DG  A 1 3  ? 1.713   3.410   -0.305 1.00 15.98 ? 1003 DG  X C5    1 
ATOM   56  C  C6    . DG  A 1 3  ? 0.852   3.533   0.804  1.00 17.62 ? 1003 DG  X C6    1 
ATOM   57  O  O6    . DG  A 1 3  ? 0.432   4.566   1.357  1.00 25.26 ? 1003 DG  X O6    1 
ATOM   58  N  N1    . DG  A 1 3  ? 0.469   2.298   1.307  1.00 21.82 ? 1003 DG  X N1    1 
ATOM   59  C  C2    . DG  A 1 3  ? 0.895   1.089   0.815  1.00 22.26 ? 1003 DG  X C2    1 
ATOM   60  N  N2    . DG  A 1 3  ? 0.438   -0.002  1.419  1.00 20.62 ? 1003 DG  X N2    1 
ATOM   61  N  N3    . DG  A 1 3  ? 1.685   0.962   -0.217 1.00 21.91 ? 1003 DG  X N3    1 
ATOM   62  C  C4    . DG  A 1 3  ? 2.067   2.156   -0.714 1.00 17.46 ? 1003 DG  X C4    1 
ATOM   63  P  P     . DG  A 1 4  ? 1.412   -0.294  -6.402 1.00 35.66 ? 1004 DG  X P     1 
ATOM   64  O  OP1   . DG  A 1 4  ? 1.644   -1.211  -7.543 1.00 36.97 ? 1004 DG  X OP1   1 
ATOM   65  O  OP2   . DG  A 1 4  ? 0.591   0.926   -6.586 1.00 34.14 ? 1004 DG  X OP2   1 
ATOM   66  O  "O5'" . DG  A 1 4  ? 0.791   -1.112  -5.198 1.00 33.47 ? 1004 DG  X "O5'" 1 
ATOM   67  C  "C5'" . DG  A 1 4  ? 1.248   -2.398  -4.900 1.00 31.37 ? 1004 DG  X "C5'" 1 
ATOM   68  C  "C4'" . DG  A 1 4  ? 0.220   -3.088  -4.036 1.00 30.75 ? 1004 DG  X "C4'" 1 
ATOM   69  O  "O4'" . DG  A 1 4  ? -0.029  -2.269  -2.851 1.00 31.33 ? 1004 DG  X "O4'" 1 
ATOM   70  C  "C3'" . DG  A 1 4  ? -1.141  -3.259  -4.706 1.00 30.62 ? 1004 DG  X "C3'" 1 
ATOM   71  O  "O3'" . DG  A 1 4  ? -1.820  -4.380  -4.152 1.00 33.99 ? 1004 DG  X "O3'" 1 
ATOM   72  C  "C2'" . DG  A 1 4  ? -1.851  -1.959  -4.316 1.00 28.69 ? 1004 DG  X "C2'" 1 
ATOM   73  C  "C1'" . DG  A 1 4  ? -1.389  -1.801  -2.870 1.00 29.99 ? 1004 DG  X "C1'" 1 
ATOM   74  N  N9    . DG  A 1 4  ? -1.466  -0.413  -2.348 1.00 26.28 ? 1004 DG  X N9    1 
ATOM   75  C  C8    . DG  A 1 4  ? -1.065  0.742   -2.995 1.00 25.47 ? 1004 DG  X C8    1 
ATOM   76  N  N7    . DG  A 1 4  ? -1.265  1.828   -2.308 1.00 23.08 ? 1004 DG  X N7    1 
ATOM   77  C  C5    . DG  A 1 4  ? -1.826  1.375   -1.126 1.00 24.06 ? 1004 DG  X C5    1 
ATOM   78  C  C6    . DG  A 1 4  ? -2.263  2.107   -0.025 1.00 25.51 ? 1004 DG  X C6    1 
ATOM   79  O  O6    . DG  A 1 4  ? -2.147  3.331   0.167  1.00 30.98 ? 1004 DG  X O6    1 
ATOM   80  N  N1    . DG  A 1 4  ? -2.833  1.293   0.938  1.00 22.72 ? 1004 DG  X N1    1 
ATOM   81  C  C2    . DG  A 1 4  ? -2.926  -0.063  0.853  1.00 20.48 ? 1004 DG  X C2    1 
ATOM   82  N  N2    . DG  A 1 4  ? -3.470  -0.665  1.902  1.00 26.50 ? 1004 DG  X N2    1 
ATOM   83  N  N3    . DG  A 1 4  ? -2.531  -0.777  -0.175 1.00 19.52 ? 1004 DG  X N3    1 
ATOM   84  C  C4    . DG  A 1 4  ? -1.964  0.005   -1.123 1.00 23.81 ? 1004 DG  X C4    1 
ATOM   85  P  P     . DT  A 1 5  ? -1.882  -5.798  -4.903 1.00 36.75 ? 1005 DT  X P     1 
ATOM   86  O  OP1   . DT  A 1 5  ? -2.172  -5.561  -6.331 1.00 35.72 ? 1005 DT  X OP1   1 
ATOM   87  O  OP2   . DT  A 1 5  ? -2.752  -6.664  -4.080 1.00 31.37 ? 1005 DT  X OP2   1 
ATOM   88  O  "O5'" . DT  A 1 5  ? -0.384  -6.349  -4.794 1.00 34.92 ? 1005 DT  X "O5'" 1 
ATOM   89  C  "C5'" . DT  A 1 5  ? 0.006   -7.030  -3.624 1.00 36.37 ? 1005 DT  X "C5'" 1 
ATOM   90  C  "C4'" . DT  A 1 5  ? 1.023   -8.102  -3.932 1.00 36.53 ? 1005 DT  X "C4'" 1 
ATOM   91  O  "O4'" . DT  A 1 5  ? 0.344   -9.328  -4.251 1.00 39.93 ? 1005 DT  X "O4'" 1 
ATOM   92  C  "C3'" . DT  A 1 5  ? 1.948   -7.825  -5.107 1.00 35.76 ? 1005 DT  X "C3'" 1 
ATOM   93  O  "O3'" . DT  A 1 5  ? 3.153   -8.467  -4.843 1.00 34.38 ? 1005 DT  X "O3'" 1 
ATOM   94  C  "C2'" . DT  A 1 5  ? 1.222   -8.504  -6.252 1.00 37.96 ? 1005 DT  X "C2'" 1 
ATOM   95  C  "C1'" . DT  A 1 5  ? 0.695   -9.743  -5.554 1.00 43.53 ? 1005 DT  X "C1'" 1 
ATOM   96  N  N1    . DT  A 1 5  ? -0.522  -10.323 -6.177 1.00 53.68 ? 1005 DT  X N1    1 
ATOM   97  C  C2    . DT  A 1 5  ? -0.446  -11.405 -7.061 1.00 57.93 ? 1005 DT  X C2    1 
ATOM   98  O  O2    . DT  A 1 5  ? 0.588   -11.934 -7.435 1.00 57.35 ? 1005 DT  X O2    1 
ATOM   99  N  N3    . DT  A 1 5  ? -1.658  -11.830 -7.530 1.00 63.21 ? 1005 DT  X N3    1 
ATOM   100 C  C4    . DT  A 1 5  ? -2.912  -11.314 -7.220 1.00 65.50 ? 1005 DT  X C4    1 
ATOM   101 O  O4    . DT  A 1 5  ? -3.955  -11.768 -7.694 1.00 67.48 ? 1005 DT  X O4    1 
ATOM   102 C  C5    . DT  A 1 5  ? -2.913  -10.218 -6.286 1.00 64.92 ? 1005 DT  X C5    1 
ATOM   103 C  C7    . DT  A 1 5  ? -4.215  -9.587  -5.873 1.00 67.10 ? 1005 DT  X C7    1 
ATOM   104 C  C6    . DT  A 1 5  ? -1.735  -9.788  -5.813 1.00 59.77 ? 1005 DT  X C6    1 
HETATM 105 N  N1    . BRU A 1 6  ? 6.226   -11.773 -2.621 1.00 32.92 ? 1006 BRU X N1    1 
HETATM 106 C  C2    . BRU A 1 6  ? 6.610   -13.000 -2.208 1.00 33.81 ? 1006 BRU X C2    1 
HETATM 107 N  N3    . BRU A 1 6  ? 5.907   -14.091 -2.555 1.00 33.03 ? 1006 BRU X N3    1 
HETATM 108 C  C4    . BRU A 1 6  ? 4.820   -13.974 -3.342 1.00 34.19 ? 1006 BRU X C4    1 
HETATM 109 C  C5    . BRU A 1 6  ? 4.417   -12.691 -3.789 1.00 34.01 ? 1006 BRU X C5    1 
HETATM 110 C  C6    . BRU A 1 6  ? 5.132   -11.608 -3.431 1.00 30.92 ? 1006 BRU X C6    1 
HETATM 111 O  O2    . BRU A 1 6  ? 7.608   -13.120 -1.495 1.00 30.22 ? 1006 BRU X O2    1 
HETATM 112 O  O4    . BRU A 1 6  ? 4.173   -14.966 -3.657 1.00 31.67 ? 1006 BRU X O4    1 
HETATM 113 BR BR    . BRU A 1 6  ? 2.875   -12.539 -4.854 1.00 37.24 ? 1006 BRU X BR    1 
HETATM 114 C  "C1'" . BRU A 1 6  ? 7.069   -10.631 -2.251 1.00 32.24 ? 1006 BRU X "C1'" 1 
HETATM 115 C  "C2'" . BRU A 1 6  ? 7.796   -10.055 -3.477 1.00 29.72 ? 1006 BRU X "C2'" 1 
HETATM 116 C  "C3'" . BRU A 1 6  ? 8.131   -8.655  -2.970 1.00 29.76 ? 1006 BRU X "C3'" 1 
HETATM 117 C  "C4'" . BRU A 1 6  ? 6.822   -8.291  -2.256 1.00 31.09 ? 1006 BRU X "C4'" 1 
HETATM 118 O  "O3'" . BRU A 1 6  ? 9.158   -8.739  -1.993 1.00 28.88 ? 1006 BRU X "O3'" 1 
HETATM 119 O  "O4'" . BRU A 1 6  ? 6.295   -9.540  -1.704 1.00 33.28 ? 1006 BRU X "O4'" 1 
HETATM 120 C  "C5'" . BRU A 1 6  ? 5.822   -7.681  -3.236 1.00 31.37 ? 1006 BRU X "C5'" 1 
HETATM 121 O  "O5'" . BRU A 1 6  ? 5.536   -8.620  -4.268 1.00 32.43 ? 1006 BRU X "O5'" 1 
HETATM 122 P  P     . BRU A 1 6  ? 4.553   -7.880  -5.294 1.00 33.22 ? 1006 BRU X P     1 
HETATM 123 O  OP1   . BRU A 1 6  ? 4.878   -6.434  -5.361 1.00 37.88 ? 1006 BRU X OP1   1 
HETATM 124 O  OP2   . BRU A 1 6  ? 4.789   -8.507  -6.740 1.00 36.16 ? 1006 BRU X OP2   1 
ATOM   125 P  P     . DA  A 1 7  ? 10.333  -7.682  -1.947 1.00 26.50 ? 1007 DA  X P     1 
ATOM   126 O  OP1   . DA  A 1 7  ? 10.675  -7.317  -3.332 1.00 27.42 ? 1007 DA  X OP1   1 
ATOM   127 O  OP2   . DA  A 1 7  ? 11.350  -8.183  -1.017 1.00 29.98 ? 1007 DA  X OP2   1 
ATOM   128 O  "O5'" . DA  A 1 7  ? 9.636   -6.417  -1.280 1.00 31.32 ? 1007 DA  X "O5'" 1 
ATOM   129 C  "C5'" . DA  A 1 7  ? 9.482   -6.264  0.118  1.00 24.41 ? 1007 DA  X "C5'" 1 
ATOM   130 C  "C4'" . DA  A 1 7  ? 8.671   -5.003  0.374  1.00 21.16 ? 1007 DA  X "C4'" 1 
ATOM   131 O  "O4'" . DA  A 1 7  ? 9.400   -3.884  -0.166 1.00 21.60 ? 1007 DA  X "O4'" 1 
ATOM   132 C  "C3'" . DA  A 1 7  ? 7.306   -4.936  -0.300 1.00 18.32 ? 1007 DA  X "C3'" 1 
ATOM   133 O  "O3'" . DA  A 1 7  ? 6.493   -4.088  0.436  1.00 21.30 ? 1007 DA  X "O3'" 1 
ATOM   134 C  "C2'" . DA  A 1 7  ? 7.641   -4.305  -1.631 1.00 19.33 ? 1007 DA  X "C2'" 1 
ATOM   135 C  "C1'" . DA  A 1 7  ? 8.689   -3.290  -1.211 1.00 19.05 ? 1007 DA  X "C1'" 1 
ATOM   136 N  N9    . DA  A 1 7  ? 9.642   -2.962  -2.248 1.00 22.74 ? 1007 DA  X N9    1 
ATOM   137 C  C8    . DA  A 1 7  ? 10.072  -3.772  -3.260 1.00 28.13 ? 1007 DA  X C8    1 
ATOM   138 N  N7    . DA  A 1 7  ? 10.943  -3.204  -4.058 1.00 28.47 ? 1007 DA  X N7    1 
ATOM   139 C  C5    . DA  A 1 7  ? 11.093  -1.936  -3.530 1.00 28.62 ? 1007 DA  X C5    1 
ATOM   140 C  C6    . DA  A 1 7  ? 11.880  -0.832  -3.915 1.00 29.69 ? 1007 DA  X C6    1 
ATOM   141 N  N6    . DA  A 1 7  ? 12.702  -0.837  -4.966 1.00 28.30 ? 1007 DA  X N6    1 
ATOM   142 N  N1    . DA  A 1 7  ? 11.792  0.281   -3.172 1.00 30.52 ? 1007 DA  X N1    1 
ATOM   143 C  C2    . DA  A 1 7  ? 10.988  0.285   -2.111 1.00 29.70 ? 1007 DA  X C2    1 
ATOM   144 N  N3    . DA  A 1 7  ? 10.207  -0.687  -1.649 1.00 31.63 ? 1007 DA  X N3    1 
ATOM   145 C  C4    . DA  A 1 7  ? 10.319  -1.786  -2.400 1.00 26.40 ? 1007 DA  X C4    1 
ATOM   146 P  P     . DG  A 1 8  ? 4.929   -4.056  0.197  1.00 24.85 ? 1008 DG  X P     1 
ATOM   147 O  OP1   . DG  A 1 8  ? 4.532   -5.363  -0.321 1.00 28.80 ? 1008 DG  X OP1   1 
ATOM   148 O  OP2   . DG  A 1 8  ? 4.556   -2.843  -0.543 1.00 24.48 ? 1008 DG  X OP2   1 
ATOM   149 O  "O5'" . DG  A 1 8  ? 4.390   -3.866  1.677  1.00 25.95 ? 1008 DG  X "O5'" 1 
ATOM   150 C  "C5'" . DG  A 1 8  ? 4.552   -4.875  2.644  1.00 23.09 ? 1008 DG  X "C5'" 1 
ATOM   151 C  "C4'" . DG  A 1 8  ? 3.457   -4.745  3.681  1.00 19.29 ? 1008 DG  X "C4'" 1 
ATOM   152 O  "O4'" . DG  A 1 8  ? 3.588   -3.451  4.329  1.00 22.68 ? 1008 DG  X "O4'" 1 
ATOM   153 C  "C3'" . DG  A 1 8  ? 2.061   -4.761  3.097  1.00 20.31 ? 1008 DG  X "C3'" 1 
ATOM   154 O  "O3'" . DG  A 1 8  ? 1.147   -5.376  3.993  1.00 25.14 ? 1008 DG  X "O3'" 1 
ATOM   155 C  "C2'" . DG  A 1 8  ? 1.765   -3.282  2.945  1.00 18.03 ? 1008 DG  X "C2'" 1 
ATOM   156 C  "C1'" . DG  A 1 8  ? 2.426   -2.691  4.154  1.00 15.94 ? 1008 DG  X "C1'" 1 
ATOM   157 N  N9    . DG  A 1 8  ? 2.766   -1.294  3.911  1.00 15.78 ? 1008 DG  X N9    1 
ATOM   158 C  C8    . DG  A 1 8  ? 3.257   -0.748  2.736  1.00 19.38 ? 1008 DG  X C8    1 
ATOM   159 N  N7    . DG  A 1 8  ? 3.342   0.563   2.747  1.00 16.34 ? 1008 DG  X N7    1 
ATOM   160 C  C5    . DG  A 1 8  ? 2.858   0.902   4.005  1.00 15.05 ? 1008 DG  X C5    1 
ATOM   161 C  C6    . DG  A 1 8  ? 2.690   2.155   4.600  1.00 14.68 ? 1008 DG  X C6    1 
ATOM   162 O  O6    . DG  A 1 8  ? 2.962   3.280   4.143  1.00 17.86 ? 1008 DG  X O6    1 
ATOM   163 N  N1    . DG  A 1 8  ? 2.135   2.064   5.868  1.00 15.00 ? 1008 DG  X N1    1 
ATOM   164 C  C2    . DG  A 1 8  ? 1.807   0.909   6.508  1.00 16.45 ? 1008 DG  X C2    1 
ATOM   165 N  N2    . DG  A 1 8  ? 1.304   1.033   7.751  1.00 17.02 ? 1008 DG  X N2    1 
ATOM   166 N  N3    . DG  A 1 8  ? 1.928   -0.282  5.954  1.00 19.64 ? 1008 DG  X N3    1 
ATOM   167 C  C4    . DG  A 1 8  ? 2.486   -0.220  4.718  1.00 17.65 ? 1008 DG  X C4    1 
ATOM   168 P  P     . DG  A 1 9  ? -0.356  -5.664  3.551  1.00 26.93 ? 1009 DG  X P     1 
ATOM   169 O  OP1   . DG  A 1 9  ? -0.590  -7.106  3.648  1.00 31.05 ? 1009 DG  X OP1   1 
ATOM   170 O  OP2   . DG  A 1 9  ? -0.606  -4.957  2.278  1.00 24.40 ? 1009 DG  X OP2   1 
ATOM   171 O  "O5'" . DG  A 1 9  ? -1.189  -4.974  4.700  1.00 27.50 ? 1009 DG  X "O5'" 1 
ATOM   172 C  "C5'" . DG  A 1 9  ? -0.823  -5.174  6.052  1.00 31.18 ? 1009 DG  X "C5'" 1 
ATOM   173 C  "C4'" . DG  A 1 9  ? -1.627  -4.253  6.956  1.00 33.26 ? 1009 DG  X "C4'" 1 
ATOM   174 O  "O4'" . DG  A 1 9  ? -0.986  -2.971  6.952  1.00 30.64 ? 1009 DG  X "O4'" 1 
ATOM   175 C  "C3'" . DG  A 1 9  ? -3.061  -4.013  6.491  1.00 34.56 ? 1009 DG  X "C3'" 1 
ATOM   176 O  "O3'" . DG  A 1 9  ? -3.961  -4.663  7.326  1.00 42.78 ? 1009 DG  X "O3'" 1 
ATOM   177 C  "C2'" . DG  A 1 9  ? -3.296  -2.533  6.633  1.00 30.80 ? 1009 DG  X "C2'" 1 
ATOM   178 C  "C1'" . DG  A 1 9  ? -1.949  -1.950  6.951  1.00 29.47 ? 1009 DG  X "C1'" 1 
ATOM   179 N  N9    . DG  A 1 9  ? -1.588  -0.970  5.958  1.00 26.31 ? 1009 DG  X N9    1 
ATOM   180 C  C8    . DG  A 1 9  ? -1.132  -1.204  4.690  1.00 22.24 ? 1009 DG  X C8    1 
ATOM   181 N  N7    . DG  A 1 9  ? -0.930  -0.101  4.021  1.00 26.16 ? 1009 DG  X N7    1 
ATOM   182 C  C5    . DG  A 1 9  ? -1.272  0.914   4.918  1.00 21.84 ? 1009 DG  X C5    1 
ATOM   183 C  C6    . DG  A 1 9  ? -1.273  2.313   4.762  1.00 22.50 ? 1009 DG  X C6    1 
ATOM   184 O  O6    . DG  A 1 9  ? -0.936  2.975   3.773  1.00 27.39 ? 1009 DG  X O6    1 
ATOM   185 N  N1    . DG  A 1 9  ? -1.729  2.966   5.911  1.00 21.84 ? 1009 DG  X N1    1 
ATOM   186 C  C2    . DG  A 1 9  ? -2.164  2.332   7.059  1.00 16.72 ? 1009 DG  X C2    1 
ATOM   187 N  N2    . DG  A 1 9  ? -2.569  3.117   8.068  1.00 13.14 ? 1009 DG  X N2    1 
ATOM   188 N  N3    . DG  A 1 9  ? -2.143  1.029   7.213  1.00 17.23 ? 1009 DG  X N3    1 
ATOM   189 C  C4    . DG  A 1 9  ? -1.709  0.388   6.099  1.00 21.04 ? 1009 DG  X C4    1 
ATOM   190 P  P     . DG  A 1 10 ? -5.431  -5.003  6.772  1.00 50.03 ? 1010 DG  X P     1 
ATOM   191 O  OP1   . DG  A 1 10 ? -5.898  -6.175  7.559  1.00 54.75 ? 1010 DG  X OP1   1 
ATOM   192 O  OP2   . DG  A 1 10 ? -5.357  -5.042  5.284  1.00 43.68 ? 1010 DG  X OP2   1 
ATOM   193 O  "O5'" . DG  A 1 10 ? -6.348  -3.759  7.170  1.00 44.73 ? 1010 DG  X "O5'" 1 
ATOM   194 C  "C5'" . DG  A 1 10 ? -6.520  -3.415  8.530  1.00 43.82 ? 1010 DG  X "C5'" 1 
ATOM   195 C  "C4'" . DG  A 1 10 ? -7.084  -2.012  8.601  1.00 41.77 ? 1010 DG  X "C4'" 1 
ATOM   196 O  "O4'" . DG  A 1 10 ? -6.105  -1.079  8.038  1.00 39.78 ? 1010 DG  X "O4'" 1 
ATOM   197 C  "C3'" . DG  A 1 10 ? -8.393  -1.819  7.817  1.00 39.18 ? 1010 DG  X "C3'" 1 
ATOM   198 O  "O3'" . DG  A 1 10 ? -9.439  -1.312  8.661  1.00 43.53 ? 1010 DG  X "O3'" 1 
ATOM   199 C  "C2'" . DG  A 1 10 ? -8.034  -0.809  6.743  1.00 36.81 ? 1010 DG  X "C2'" 1 
ATOM   200 C  "C1'" . DG  A 1 10 ? -6.795  -0.099  7.302  1.00 34.26 ? 1010 DG  X "C1'" 1 
ATOM   201 N  N9    . DG  A 1 10 ? -5.955  0.420   6.228  1.00 25.66 ? 1010 DG  X N9    1 
ATOM   202 C  C8    . DG  A 1 10 ? -5.420  -0.298  5.180  1.00 24.06 ? 1010 DG  X C8    1 
ATOM   203 N  N7    . DG  A 1 10 ? -4.858  0.444   4.259  1.00 24.21 ? 1010 DG  X N7    1 
ATOM   204 C  C5    . DG  A 1 10 ? -5.039  1.731   4.725  1.00 20.29 ? 1010 DG  X C5    1 
ATOM   205 C  C6    . DG  A 1 10 ? -4.609  2.933   4.173  1.00 20.79 ? 1010 DG  X C6    1 
ATOM   206 O  O6    . DG  A 1 10 ? -3.914  3.093   3.164  1.00 23.47 ? 1010 DG  X O6    1 
ATOM   207 N  N1    . DG  A 1 10 ? -5.008  4.029   4.938  1.00 22.33 ? 1010 DG  X N1    1 
ATOM   208 C  C2    . DG  A 1 10 ? -5.692  3.937   6.133  1.00 21.75 ? 1010 DG  X C2    1 
ATOM   209 N  N2    . DG  A 1 10 ? -5.975  5.084   6.739  1.00 22.93 ? 1010 DG  X N2    1 
ATOM   210 N  N3    . DG  A 1 10 ? -6.094  2.794   6.678  1.00 23.54 ? 1010 DG  X N3    1 
ATOM   211 C  C4    . DG  A 1 10 ? -5.742  1.736   5.914  1.00 22.66 ? 1010 DG  X C4    1 
ATOM   212 P  P     . DT  A 1 11 ? -10.983 -1.401  8.223  0.50 42.75 ? 1011 DT  X P     1 
ATOM   213 O  OP1   . DT  A 1 11 ? -11.776 -1.386  9.468  0.50 41.00 ? 1011 DT  X OP1   1 
ATOM   214 O  OP2   . DT  A 1 11 ? -11.136 -2.500  7.244  0.50 41.94 ? 1011 DT  X OP2   1 
ATOM   215 O  "O5'" . DT  A 1 11 ? -11.246 -0.040  7.432  0.50 44.86 ? 1011 DT  X "O5'" 1 
ATOM   216 C  "C5'" . DT  A 1 11 ? -11.593 -0.094  6.047  0.50 48.99 ? 1011 DT  X "C5'" 1 
ATOM   217 C  "C4'" . DT  A 1 11 ? -12.559 1.022   5.677  0.50 51.68 ? 1011 DT  X "C4'" 1 
ATOM   218 O  "O4'" . DT  A 1 11 ? -11.852 2.096   5.022  0.50 52.64 ? 1011 DT  X "O4'" 1 
ATOM   219 C  "C3'" . DT  A 1 11 ? -13.648 0.631   4.677  0.50 52.97 ? 1011 DT  X "C3'" 1 
ATOM   220 O  "O3'" . DT  A 1 11 ? -14.843 0.248   5.367  0.50 53.15 ? 1011 DT  X "O3'" 1 
ATOM   221 C  "C2'" . DT  A 1 11 ? -13.857 1.897   3.814  0.50 52.73 ? 1011 DT  X "C2'" 1 
ATOM   222 C  "C1'" . DT  A 1 11 ? -12.814 2.881   4.353  0.50 52.53 ? 1011 DT  X "C1'" 1 
ATOM   223 N  N1    . DT  A 1 11 ? -12.143 3.739   3.290  0.50 51.79 ? 1011 DT  X N1    1 
ATOM   224 C  C2    . DT  A 1 11 ? -11.527 3.141   2.202  0.50 51.38 ? 1011 DT  X C2    1 
ATOM   225 O  O2    . DT  A 1 11 ? -11.468 1.931   2.041  0.50 51.13 ? 1011 DT  X O2    1 
ATOM   226 N  N3    . DT  A 1 11 ? -10.969 4.024   1.303  0.50 50.35 ? 1011 DT  X N3    1 
ATOM   227 C  C4    . DT  A 1 11 ? -10.966 5.413   1.375  0.50 49.00 ? 1011 DT  X C4    1 
ATOM   228 O  O4    . DT  A 1 11 ? -10.436 6.121   0.516  0.50 46.91 ? 1011 DT  X O4    1 
ATOM   229 C  C5    . DT  A 1 11 ? -11.632 5.971   2.526  0.50 49.13 ? 1011 DT  X C5    1 
ATOM   230 C  C7    . DT  A 1 11 ? -11.696 7.463   2.705  0.50 49.36 ? 1011 DT  X C7    1 
ATOM   231 C  C6    . DT  A 1 11 ? -12.184 5.121   3.414  0.50 50.64 ? 1011 DT  X C6    1 
HETATM 232 K  K     . K   B 2 .  ? -2.060  4.934   2.463  0.50 23.70 ? 2013 K   X K     1 
HETATM 233 K  K     . K   C 2 .  ? 1.032   5.276   4.078  0.50 25.67 ? 2014 K   X K     1 
HETATM 234 K  K     . K   D 2 .  ? 3.515   5.504   5.400  0.25 26.94 ? 2015 K   X K     1 
HETATM 235 C  C1    . CUF E 3 .  ? -5.929  1.135   -1.198 0.50 44.63 ? 3016 CUF X C1    1 
HETATM 236 F  F1    . CUF E 3 .  ? -5.770  9.623   -2.235 0.50 39.44 ? 3016 CUF X F1    1 
HETATM 237 N  N1    . CUF E 3 .  ? -5.469  4.162   -1.459 0.50 40.52 ? 3016 CUF X N1    1 
HETATM 238 O  O1    . CUF E 3 .  ? -6.172  1.718   0.011  0.50 41.73 ? 3016 CUF X O1    1 
HETATM 239 CU CU1   . CUF E 3 .  ? -6.234  3.695   0.305  0.50 42.92 ? 3016 CUF X CU1   1 
HETATM 240 C  C2    . CUF E 3 .  ? -6.019  -0.250  -1.292 0.50 46.83 ? 3016 CUF X C2    1 
HETATM 241 F  F2    . CUF E 3 .  ? -4.829  7.999   -4.257 0.50 41.02 ? 3016 CUF X F2    1 
HETATM 242 N  N2    . CUF E 3 .  ? -6.358  5.680   0.509  0.50 40.48 ? 3016 CUF X N2    1 
HETATM 243 O  O2    . CUF E 3 .  ? -7.087  3.293   2.071  0.50 39.86 ? 3016 CUF X O2    1 
HETATM 244 C  C3    . CUF E 3 .  ? -5.711  -0.899  -2.483 0.50 48.83 ? 3016 CUF X C3    1 
HETATM 245 N  N3    . CUF E 3 .  ? -6.789  -5.042  -4.576 0.50 61.39 ? 3016 CUF X N3    1 
HETATM 246 O  O3    . CUF E 3 .  ? -5.816  -2.253  -2.572 0.50 52.96 ? 3016 CUF X O3    1 
HETATM 247 C  C4    . CUF E 3 .  ? -5.310  -0.184  -3.605 0.50 47.72 ? 3016 CUF X C4    1 
HETATM 248 N  N4    . CUF E 3 .  ? -10.280 4.179   9.417  0.50 61.00 ? 3016 CUF X N4    1 
HETATM 249 O  O4    . CUF E 3 .  ? -9.475  4.215   6.077  0.50 46.55 ? 3016 CUF X O4    1 
HETATM 250 C  C5    . CUF E 3 .  ? -5.192  1.198   -3.560 0.50 46.66 ? 3016 CUF X C5    1 
HETATM 251 C  C6    . CUF E 3 .  ? -5.477  1.899   -2.392 0.50 45.02 ? 3016 CUF X C6    1 
HETATM 252 C  C7    . CUF E 3 .  ? -5.355  3.377   -2.434 0.50 42.59 ? 3016 CUF X C7    1 
HETATM 253 C  C8    . CUF E 3 .  ? -5.437  5.548   -1.671 0.50 40.07 ? 3016 CUF X C8    1 
HETATM 254 C  C9    . CUF E 3 .  ? -5.108  6.093   -2.895 0.50 40.54 ? 3016 CUF X C9    1 
HETATM 255 C  C10   . CUF E 3 .  ? -5.203  7.467   -3.079 0.50 40.68 ? 3016 CUF X C10   1 
HETATM 256 C  C11   . CUF E 3 .  ? -5.678  8.284   -2.049 0.50 40.24 ? 3016 CUF X C11   1 
HETATM 257 C  C12   . CUF E 3 .  ? -6.062  7.717   -0.828 0.50 39.47 ? 3016 CUF X C12   1 
HETATM 258 C  C13   . CUF E 3 .  ? -5.917  6.350   -0.646 0.50 39.77 ? 3016 CUF X C13   1 
HETATM 259 C  C14   . CUF E 3 .  ? -7.024  6.296   1.390  0.50 38.51 ? 3016 CUF X C14   1 
HETATM 260 C  C15   . CUF E 3 .  ? -7.639  5.693   2.603  0.50 39.81 ? 3016 CUF X C15   1 
HETATM 261 C  C16   . CUF E 3 .  ? -8.244  6.549   3.521  0.50 41.44 ? 3016 CUF X C16   1 
HETATM 262 C  C17   . CUF E 3 .  ? -8.848  6.054   4.676  0.50 42.75 ? 3016 CUF X C17   1 
HETATM 263 C  C18   . CUF E 3 .  ? -8.868  4.686   4.938  0.50 43.99 ? 3016 CUF X C18   1 
HETATM 264 C  C19   . CUF E 3 .  ? -8.280  3.789   4.052  0.50 41.79 ? 3016 CUF X C19   1 
HETATM 265 C  C20   . CUF E 3 .  ? -7.663  4.232   2.887  0.50 40.11 ? 3016 CUF X C20   1 
HETATM 266 C  C21   . CUF E 3 .  ? -5.955  -2.850  -3.865 0.50 56.39 ? 3016 CUF X C21   1 
HETATM 267 C  C22   . CUF E 3 .  ? -7.153  -3.799  -3.869 0.50 59.19 ? 3016 CUF X C22   1 
HETATM 268 C  C23   . CUF E 3 .  ? -6.787  -4.795  -6.034 0.50 61.37 ? 3016 CUF X C23   1 
HETATM 269 C  C24   . CUF E 3 .  ? -6.369  -6.062  -6.773 0.50 61.32 ? 3016 CUF X C24   1 
HETATM 270 C  C25   . CUF E 3 .  ? -7.333  -7.183  -6.438 0.50 62.14 ? 3016 CUF X C25   1 
HETATM 271 C  C26   . CUF E 3 .  ? -7.410  -7.390  -4.940 0.50 62.19 ? 3016 CUF X C26   1 
HETATM 272 C  C27   . CUF E 3 .  ? -7.771  -6.099  -4.240 0.50 62.24 ? 3016 CUF X C27   1 
HETATM 273 C  C28   . CUF E 3 .  ? -9.277  4.881   7.321  0.50 52.20 ? 3016 CUF X C28   1 
HETATM 274 C  C29   . CUF E 3 .  ? -9.220  3.843   8.443  0.50 56.50 ? 3016 CUF X C29   1 
HETATM 275 C  C30   . CUF E 3 .  ? -11.492 4.612   8.687  0.50 63.08 ? 3016 CUF X C30   1 
HETATM 276 C  C31   . CUF E 3 .  ? -12.589 5.061   9.679  0.50 64.91 ? 3016 CUF X C31   1 
HETATM 277 C  C32   . CUF E 3 .  ? -12.938 3.934   10.659 0.50 65.64 ? 3016 CUF X C32   1 
HETATM 278 C  C33   . CUF E 3 .  ? -11.655 3.371   11.301 0.50 64.77 ? 3016 CUF X C33   1 
HETATM 279 C  C34   . CUF E 3 .  ? -10.593 2.993   10.237 0.50 62.07 ? 3016 CUF X C34   1 
HETATM 280 O  O     . HOH F 4 .  ? 7.680   2.583   -1.569 1.00 16.90 ? 1    HOH X O     1 
HETATM 281 O  O     . HOH F 4 .  ? 5.045   -2.611  -3.099 1.00 23.20 ? 2    HOH X O     1 
HETATM 282 O  O     . HOH F 4 .  ? -0.302  -3.013  0.522  1.00 25.38 ? 3    HOH X O     1 
HETATM 283 O  O     . HOH F 4 .  ? 5.956   -10.639 -6.378 1.00 47.49 ? 4    HOH X O     1 
HETATM 284 O  O     . HOH F 4 .  ? 9.546   -6.823  -5.918 1.00 36.08 ? 5    HOH X O     1 
HETATM 285 O  O     . HOH F 4 .  ? 1.911   -8.871  3.191  1.00 39.84 ? 6    HOH X O     1 
HETATM 286 O  O     . HOH F 4 .  ? 5.524   -0.510  -8.750 1.00 44.91 ? 7    HOH X O     1 
HETATM 287 O  O     . HOH F 4 .  ? 10.427  11.718  -4.846 1.00 40.63 ? 8    HOH X O     1 
HETATM 288 O  O     . HOH F 4 .  ? 3.589   -10.976 -8.509 1.00 54.43 ? 9    HOH X O     1 
HETATM 289 O  O     . HOH F 4 .  ? 9.209   13.512  -3.029 1.00 53.78 ? 10   HOH X O     1 
HETATM 290 O  O     . HOH F 4 .  ? -2.933  -8.888  3.870  1.00 52.86 ? 11   HOH X O     1 
HETATM 291 O  O     . HOH F 4 .  ? 13.058  -3.325  -6.177 1.00 41.43 ? 12   HOH X O     1 
HETATM 292 O  O     . HOH F 4 .  ? 6.074   6.542   -9.096 1.00 46.02 ? 13   HOH X O     1 
HETATM 293 O  O     . HOH F 4 .  ? 6.752   1.310   -8.511 1.00 34.86 ? 14   HOH X O     1 
HETATM 294 O  O     . HOH F 4 .  ? 4.571   -2.307  -7.470 1.00 50.16 ? 15   HOH X O     1 
HETATM 295 O  O     . HOH F 4 .  ? 2.170   -4.806  -1.573 1.00 32.70 ? 16   HOH X O     1 
HETATM 296 O  O     . HOH F 4 .  ? -1.785  -7.185  -0.323 1.00 40.72 ? 17   HOH X O     1 
HETATM 297 O  O     . HOH F 4 .  ? 1.886   -2.218  -0.592 1.00 30.21 ? 18   HOH X O     1 
HETATM 298 O  O     . HOH F 4 .  ? -10.571 7.098   11.019 1.00 49.24 ? 19   HOH X O     1 
HETATM 299 O  O     . HOH F 4 .  ? 10.048  3.200   -0.805 1.00 46.33 ? 20   HOH X O     1 
HETATM 300 O  O     . HOH F 4 .  ? 3.705   -4.104  -4.038 1.00 31.36 ? 21   HOH X O     1 
HETATM 301 O  O     . HOH F 4 .  ? -1.457  -8.252  8.742  1.00 39.41 ? 22   HOH X O     1 
HETATM 302 O  O     . HOH F 4 .  ? 15.039  -4.753  -8.900 1.00 54.96 ? 23   HOH X O     1 
HETATM 303 O  O     . HOH F 4 .  ? 17.179  -2.694  -5.904 1.00 58.61 ? 24   HOH X O     1 
HETATM 304 O  O     . HOH F 4 .  ? 9.999   -13.283 -0.571 1.00 39.66 ? 25   HOH X O     1 
HETATM 305 O  O     . HOH F 4 .  ? 10.210  -10.800 0.967  0.50 20.27 ? 26   HOH X O     1 
HETATM 306 O  O     . HOH F 4 .  ? -9.365  5.503   -1.748 0.50 51.42 ? 27   HOH X O     1 
# 
loop_
_pdbx_poly_seq_scheme.asym_id 
_pdbx_poly_seq_scheme.entity_id 
_pdbx_poly_seq_scheme.seq_id 
_pdbx_poly_seq_scheme.mon_id 
_pdbx_poly_seq_scheme.ndb_seq_num 
_pdbx_poly_seq_scheme.pdb_seq_num 
_pdbx_poly_seq_scheme.auth_seq_num 
_pdbx_poly_seq_scheme.pdb_mon_id 
_pdbx_poly_seq_scheme.auth_mon_id 
_pdbx_poly_seq_scheme.pdb_strand_id 
_pdbx_poly_seq_scheme.pdb_ins_code 
_pdbx_poly_seq_scheme.hetero 
A 1 1  DA  1  1001 1001 DA  A   X . n 
A 1 2  DG  2  1002 1002 DG  G   X . n 
A 1 3  DG  3  1003 1003 DG  G   X . n 
A 1 4  DG  4  1004 1004 DG  G   X . n 
A 1 5  DT  5  1005 1005 DT  T   X . n 
A 1 6  BRU 6  1006 1006 BRU BRU X . n 
A 1 7  DA  7  1007 1007 DA  A   X . n 
A 1 8  DG  8  1008 1008 DG  G   X . n 
A 1 9  DG  9  1009 1009 DG  G   X . n 
A 1 10 DG  10 1010 1010 DG  G   X . n 
A 1 11 DT  11 1011 1011 DT  T   X . n 
A 1 12 DT  12 1012 ?    ?   ?   X . n 
# 
loop_
_pdbx_nonpoly_scheme.asym_id 
_pdbx_nonpoly_scheme.entity_id 
_pdbx_nonpoly_scheme.mon_id 
_pdbx_nonpoly_scheme.ndb_seq_num 
_pdbx_nonpoly_scheme.pdb_seq_num 
_pdbx_nonpoly_scheme.auth_seq_num 
_pdbx_nonpoly_scheme.pdb_mon_id 
_pdbx_nonpoly_scheme.auth_mon_id 
_pdbx_nonpoly_scheme.pdb_strand_id 
_pdbx_nonpoly_scheme.pdb_ins_code 
B 2 K   1  2013 2013 K   K   X . 
C 2 K   1  2014 2014 K   K   X . 
D 2 K   1  2015 2015 K   K   X . 
E 3 CUF 1  3016 3016 CUF CUF X . 
F 4 HOH 1  1    1    HOH HOH X . 
F 4 HOH 2  2    2    HOH HOH X . 
F 4 HOH 3  3    3    HOH HOH X . 
F 4 HOH 4  4    4    HOH HOH X . 
F 4 HOH 5  5    5    HOH HOH X . 
F 4 HOH 6  6    6    HOH HOH X . 
F 4 HOH 7  7    7    HOH HOH X . 
F 4 HOH 8  8    8    HOH HOH X . 
F 4 HOH 9  9    9    HOH HOH X . 
F 4 HOH 10 10   10   HOH HOH X . 
F 4 HOH 11 11   11   HOH HOH X . 
F 4 HOH 12 12   12   HOH HOH X . 
F 4 HOH 13 13   13   HOH HOH X . 
F 4 HOH 14 14   14   HOH HOH X . 
F 4 HOH 15 15   15   HOH HOH X . 
F 4 HOH 16 16   16   HOH HOH X . 
F 4 HOH 17 17   17   HOH HOH X . 
F 4 HOH 18 18   18   HOH HOH X . 
F 4 HOH 19 19   19   HOH HOH X . 
F 4 HOH 20 20   20   HOH HOH X . 
F 4 HOH 21 21   21   HOH HOH X . 
F 4 HOH 22 22   22   HOH HOH X . 
F 4 HOH 23 23   23   HOH HOH X . 
F 4 HOH 24 24   24   HOH HOH X . 
F 4 HOH 25 25   25   HOH HOH X . 
F 4 HOH 26 26   26   HOH HOH X . 
F 4 HOH 27 27   27   HOH HOH X . 
# 
_pdbx_struct_mod_residue.id               1 
_pdbx_struct_mod_residue.label_asym_id    A 
_pdbx_struct_mod_residue.label_comp_id    BRU 
_pdbx_struct_mod_residue.label_seq_id     6 
_pdbx_struct_mod_residue.auth_asym_id     X 
_pdbx_struct_mod_residue.auth_comp_id     BRU 
_pdbx_struct_mod_residue.auth_seq_id      1006 
_pdbx_struct_mod_residue.PDB_ins_code     ? 
_pdbx_struct_mod_residue.parent_comp_id   DU 
_pdbx_struct_mod_residue.details          ? 
# 
_pdbx_struct_assembly.id                   1 
_pdbx_struct_assembly.details              author_and_software_defined_assembly 
_pdbx_struct_assembly.method_details       PISA 
_pdbx_struct_assembly.oligomeric_details   dimeric 
_pdbx_struct_assembly.oligomeric_count     2 
# 
_pdbx_struct_assembly_gen.assembly_id       1 
_pdbx_struct_assembly_gen.oper_expression   1,2 
_pdbx_struct_assembly_gen.asym_id_list      A,B,C,D,E,F 
# 
loop_
_pdbx_struct_assembly_prop.biol_id 
_pdbx_struct_assembly_prop.type 
_pdbx_struct_assembly_prop.value 
_pdbx_struct_assembly_prop.details 
1 'ABSA (A^2)' 2240 ? 
1 MORE         3    ? 
1 'SSA (A^2)'  4850 ? 
# 
loop_
_pdbx_struct_oper_list.id 
_pdbx_struct_oper_list.type 
_pdbx_struct_oper_list.name 
_pdbx_struct_oper_list.symmetry_operation 
_pdbx_struct_oper_list.matrix[1][1] 
_pdbx_struct_oper_list.matrix[1][2] 
_pdbx_struct_oper_list.matrix[1][3] 
_pdbx_struct_oper_list.vector[1] 
_pdbx_struct_oper_list.matrix[2][1] 
_pdbx_struct_oper_list.matrix[2][2] 
_pdbx_struct_oper_list.matrix[2][3] 
_pdbx_struct_oper_list.vector[2] 
_pdbx_struct_oper_list.matrix[3][1] 
_pdbx_struct_oper_list.matrix[3][2] 
_pdbx_struct_oper_list.matrix[3][3] 
_pdbx_struct_oper_list.vector[3] 
1 'identity operation'         1_555 x,y,z       1.0000000000 0.0000000000 0.0000000000 0.0000000000  0.0000000000 1.0000000000  0.0000000000 0.0000000000 0.0000000000 0.0000000000 1.0000000000  0.0000000000 
2 'crystal symmetry operation' 2_665 -x+1,-y+1,z 0.5476791722 0.1580206892 0.8216306872 -3.7173718586 0.1580206892 -0.9838658175 0.0838898977 9.9116511775 0.8216306872 0.0838898977 -0.5638133547 5.0960280775 
# 
loop_
_pdbx_struct_special_symmetry.id 
_pdbx_struct_special_symmetry.PDB_model_num 
_pdbx_struct_special_symmetry.auth_asym_id 
_pdbx_struct_special_symmetry.auth_comp_id 
_pdbx_struct_special_symmetry.auth_seq_id 
_pdbx_struct_special_symmetry.PDB_ins_code 
_pdbx_struct_special_symmetry.label_asym_id 
_pdbx_struct_special_symmetry.label_comp_id 
_pdbx_struct_special_symmetry.label_seq_id 
1 1 X K 2013 ? B K . 
2 1 X K 2014 ? C K . 
3 1 X K 2015 ? D K . 
# 
loop_
_pdbx_struct_conn_angle.id 
_pdbx_struct_conn_angle.ptnr1_label_atom_id 
_pdbx_struct_conn_angle.ptnr1_label_alt_id 
_pdbx_struct_conn_angle.ptnr1_label_asym_id 
_pdbx_struct_conn_angle.ptnr1_label_comp_id 
_pdbx_struct_conn_angle.ptnr1_label_seq_id 
_pdbx_struct_conn_angle.ptnr1_auth_atom_id 
_pdbx_struct_conn_angle.ptnr1_auth_asym_id 
_pdbx_struct_conn_angle.ptnr1_auth_comp_id 
_pdbx_struct_conn_angle.ptnr1_auth_seq_id 
_pdbx_struct_conn_angle.ptnr1_PDB_ins_code 
_pdbx_struct_conn_angle.ptnr1_symmetry 
_pdbx_struct_conn_angle.ptnr2_label_atom_id 
_pdbx_struct_conn_angle.ptnr2_label_alt_id 
_pdbx_struct_conn_angle.ptnr2_label_asym_id 
_pdbx_struct_conn_angle.ptnr2_label_comp_id 
_pdbx_struct_conn_angle.ptnr2_label_seq_id 
_pdbx_struct_conn_angle.ptnr2_auth_atom_id 
_pdbx_struct_conn_angle.ptnr2_auth_asym_id 
_pdbx_struct_conn_angle.ptnr2_auth_comp_id 
_pdbx_struct_conn_angle.ptnr2_auth_seq_id 
_pdbx_struct_conn_angle.ptnr2_PDB_ins_code 
_pdbx_struct_conn_angle.ptnr2_symmetry 
_pdbx_struct_conn_angle.ptnr3_label_atom_id 
_pdbx_struct_conn_angle.ptnr3_label_alt_id 
_pdbx_struct_conn_angle.ptnr3_label_asym_id 
_pdbx_struct_conn_angle.ptnr3_label_comp_id 
_pdbx_struct_conn_angle.ptnr3_label_seq_id 
_pdbx_struct_conn_angle.ptnr3_auth_atom_id 
_pdbx_struct_conn_angle.ptnr3_auth_asym_id 
_pdbx_struct_conn_angle.ptnr3_auth_comp_id 
_pdbx_struct_conn_angle.ptnr3_auth_seq_id 
_pdbx_struct_conn_angle.ptnr3_PDB_ins_code 
_pdbx_struct_conn_angle.ptnr3_symmetry 
_pdbx_struct_conn_angle.value 
_pdbx_struct_conn_angle.value_esd 
1  O6 ? A DG 2 ? X DG 1002 ? 1_555 K ? C K . ? X K 2014 ? 1_555 O6 ? A DG 3  ? X DG 1003 ? 1_555 82.0  ? 
2  O6 ? A DG 2 ? X DG 1002 ? 1_555 K ? C K . ? X K 2014 ? 1_555 O6 ? A DG 8  ? X DG 1008 ? 1_555 70.3  ? 
3  O6 ? A DG 3 ? X DG 1003 ? 1_555 K ? C K . ? X K 2014 ? 1_555 O6 ? A DG 8  ? X DG 1008 ? 1_555 89.4  ? 
4  O6 ? A DG 2 ? X DG 1002 ? 1_555 K ? C K . ? X K 2014 ? 1_555 O6 ? A DG 9  ? X DG 1009 ? 1_555 139.0 ? 
5  O6 ? A DG 3 ? X DG 1003 ? 1_555 K ? C K . ? X K 2014 ? 1_555 O6 ? A DG 9  ? X DG 1009 ? 1_555 65.4  ? 
6  O6 ? A DG 8 ? X DG 1008 ? 1_555 K ? C K . ? X K 2014 ? 1_555 O6 ? A DG 9  ? X DG 1009 ? 1_555 84.7  ? 
7  O6 ? A DG 2 ? X DG 1002 ? 1_555 K ? D K . ? X K 2015 ? 1_555 O6 ? A DG 8  ? X DG 1008 ? 1_555 76.6  ? 
8  O6 ? A DG 3 ? X DG 1003 ? 1_555 K ? B K . ? X K 2013 ? 1_555 O6 ? A DG 4  ? X DG 1004 ? 1_555 67.8  ? 
9  O6 ? A DG 3 ? X DG 1003 ? 1_555 K ? B K . ? X K 2013 ? 1_555 O6 ? A DG 9  ? X DG 1009 ? 1_555 73.2  ? 
10 O6 ? A DG 4 ? X DG 1004 ? 1_555 K ? B K . ? X K 2013 ? 1_555 O6 ? A DG 9  ? X DG 1009 ? 1_555 89.7  ? 
11 O6 ? A DG 3 ? X DG 1003 ? 1_555 K ? B K . ? X K 2013 ? 1_555 O6 ? A DG 10 ? X DG 1010 ? 1_555 129.3 ? 
12 O6 ? A DG 4 ? X DG 1004 ? 1_555 K ? B K . ? X K 2013 ? 1_555 O6 ? A DG 10 ? X DG 1010 ? 1_555 78.6  ? 
13 O6 ? A DG 9 ? X DG 1009 ? 1_555 K ? B K . ? X K 2013 ? 1_555 O6 ? A DG 10 ? X DG 1010 ? 1_555 69.8  ? 
# 
loop_
_pdbx_audit_revision_history.ordinal 
_pdbx_audit_revision_history.data_content_type 
_pdbx_audit_revision_history.major_revision 
_pdbx_audit_revision_history.minor_revision 
_pdbx_audit_revision_history.revision_date 
1 'Structure model' 1 0 2011-12-07 
2 'Structure model' 1 1 2012-04-18 
3 'Structure model' 1 2 2023-09-13 
# 
_pdbx_audit_revision_details.ordinal             1 
_pdbx_audit_revision_details.revision_ordinal    1 
_pdbx_audit_revision_details.data_content_type   'Structure model' 
_pdbx_audit_revision_details.provider            repository 
_pdbx_audit_revision_details.type                'Initial release' 
_pdbx_audit_revision_details.description         ? 
_pdbx_audit_revision_details.details             ? 
# 
loop_
_pdbx_audit_revision_group.ordinal 
_pdbx_audit_revision_group.revision_ordinal 
_pdbx_audit_revision_group.data_content_type 
_pdbx_audit_revision_group.group 
1 2 'Structure model' 'Database references'    
2 3 'Structure model' 'Data collection'        
3 3 'Structure model' 'Database references'    
4 3 'Structure model' 'Derived calculations'   
5 3 'Structure model' 'Refinement description' 
# 
loop_
_pdbx_audit_revision_category.ordinal 
_pdbx_audit_revision_category.revision_ordinal 
_pdbx_audit_revision_category.data_content_type 
_pdbx_audit_revision_category.category 
1 3 'Structure model' chem_comp_atom                
2 3 'Structure model' chem_comp_bond                
3 3 'Structure model' database_2                    
4 3 'Structure model' pdbx_initial_refinement_model 
5 3 'Structure model' pdbx_struct_conn_angle        
6 3 'Structure model' struct_conn                   
7 3 'Structure model' struct_site                   
# 
loop_
_pdbx_audit_revision_item.ordinal 
_pdbx_audit_revision_item.revision_ordinal 
_pdbx_audit_revision_item.data_content_type 
_pdbx_audit_revision_item.item 
1  3 'Structure model' '_database_2.pdbx_DOI'                        
2  3 'Structure model' '_database_2.pdbx_database_accession'         
3  3 'Structure model' '_pdbx_struct_conn_angle.ptnr1_auth_seq_id'   
4  3 'Structure model' '_pdbx_struct_conn_angle.ptnr1_label_seq_id'  
5  3 'Structure model' '_pdbx_struct_conn_angle.ptnr2_auth_seq_id'   
6  3 'Structure model' '_pdbx_struct_conn_angle.ptnr2_label_asym_id' 
7  3 'Structure model' '_pdbx_struct_conn_angle.ptnr3_auth_seq_id'   
8  3 'Structure model' '_pdbx_struct_conn_angle.ptnr3_label_seq_id'  
9  3 'Structure model' '_pdbx_struct_conn_angle.value'               
10 3 'Structure model' '_struct_conn.pdbx_dist_value'                
11 3 'Structure model' '_struct_conn.pdbx_leaving_atom_flag'         
12 3 'Structure model' '_struct_conn.ptnr1_auth_seq_id'              
13 3 'Structure model' '_struct_conn.ptnr1_label_seq_id'             
14 3 'Structure model' '_struct_conn.ptnr2_auth_seq_id'              
15 3 'Structure model' '_struct_conn.ptnr2_label_asym_id'            
16 3 'Structure model' '_struct_site.pdbx_auth_asym_id'              
17 3 'Structure model' '_struct_site.pdbx_auth_comp_id'              
18 3 'Structure model' '_struct_site.pdbx_auth_seq_id'               
# 
_diffrn_reflns.diffrn_id                   1 
_diffrn_reflns.pdbx_d_res_high             2.352 
_diffrn_reflns.pdbx_d_res_low              23.805 
_diffrn_reflns.pdbx_number_obs             1774 
_diffrn_reflns.pdbx_Rmerge_I_obs           ? 
_diffrn_reflns.pdbx_Rsym_value             0.101 
_diffrn_reflns.pdbx_chi_squared            ? 
_diffrn_reflns.av_sigmaI_over_netI         3.40 
_diffrn_reflns.pdbx_redundancy             3.60 
_diffrn_reflns.pdbx_percent_possible_obs   99.30 
_diffrn_reflns.number                      6416 
_diffrn_reflns.pdbx_observed_criterion     ? 
_diffrn_reflns.limit_h_max                 ? 
_diffrn_reflns.limit_h_min                 ? 
_diffrn_reflns.limit_k_max                 ? 
_diffrn_reflns.limit_k_min                 ? 
_diffrn_reflns.limit_l_max                 ? 
_diffrn_reflns.limit_l_min                 ? 
# 
loop_
_pdbx_diffrn_reflns_shell.diffrn_id 
_pdbx_diffrn_reflns_shell.d_res_high 
_pdbx_diffrn_reflns_shell.d_res_low 
_pdbx_diffrn_reflns_shell.number_obs 
_pdbx_diffrn_reflns_shell.rejects 
_pdbx_diffrn_reflns_shell.Rmerge_I_obs 
_pdbx_diffrn_reflns_shell.Rsym_value 
_pdbx_diffrn_reflns_shell.chi_squared 
_pdbx_diffrn_reflns_shell.redundancy 
_pdbx_diffrn_reflns_shell.percent_possible_obs 
1 7.44 23.81 ? ? 0.030 0.030 ? 3.10 96.60  
1 5.26 7.44  ? ? 0.051 0.051 ? 3.10 98.40  
1 4.29 5.26  ? ? 0.061 0.061 ? 3.50 98.10  
1 3.72 4.29  ? ? 0.074 0.074 ? 3.60 98.60  
1 3.33 3.72  ? ? 0.107 0.107 ? 3.70 99.10  
1 3.04 3.33  ? ? 0.177 0.177 ? 3.70 99.40  
1 2.81 3.04  ? ? 0.214 0.214 ? 3.80 100.00 
1 2.63 2.81  ? ? 0.273 0.273 ? 3.80 99.80  
1 2.48 2.63  ? ? 0.356 0.356 ? 3.80 99.80  
1 2.35 2.48  ? ? 0.418 0.418 ? 3.60 99.80  
# 
_phasing.method   MAD 
# 
loop_
_software.pdbx_ordinal 
_software.name 
_software.version 
_software.date 
_software.type 
_software.contact_author 
_software.contact_author_email 
_software.classification 
_software.location 
_software.language 
_software.citation_id 
1 MOSFLM      .       ?               package 'Andrew G.W. Leslie'  andrew@mrc-lmb.cam.ac.uk     'data reduction'  
http://www.mrc-lmb.cam.ac.uk/harry/mosflm/   ?          ? 
2 SCALA       3.3.16  2010/01/06      other   'Phil R. Evans'       pre@mrc-lmb.cam.ac.uk        'data scaling'    
http://www.ccp4.ac.uk/dist/html/scala.html   Fortran_77 ? 
3 SHELX       .       ?               package 'George M. Sheldrick' gsheldr@shelx.uni-ac.gwdg.de phasing           
http://shelx.uni-ac.gwdg.de/SHELX/           Fortran_77 ? 
4 REFMAC      .       ?               program 'Garib N. Murshudov'  garib@ysbl.york.ac.uk        refinement        
http://www.ccp4.ac.uk/dist/html/refmac5.html Fortran_77 ? 
5 PDB_EXTRACT 3.10    'June 10, 2010' package PDB                   deposit@deposit.rcsb.org     'data extraction' 
http://sw-tools.pdb.org/apps/PDB_EXTRACT/    C++        ? 
6 ADSC        Quantum ?               ?       ?                     ?                            'data collection' ? ?          ? 
7 SHELXD      .       ?               ?       ?                     ?                            phasing           ? ?          ? 
# 
loop_
_pdbx_validate_rmsd_angle.id 
_pdbx_validate_rmsd_angle.PDB_model_num 
_pdbx_validate_rmsd_angle.auth_atom_id_1 
_pdbx_validate_rmsd_angle.auth_asym_id_1 
_pdbx_validate_rmsd_angle.auth_comp_id_1 
_pdbx_validate_rmsd_angle.auth_seq_id_1 
_pdbx_validate_rmsd_angle.PDB_ins_code_1 
_pdbx_validate_rmsd_angle.label_alt_id_1 
_pdbx_validate_rmsd_angle.auth_atom_id_2 
_pdbx_validate_rmsd_angle.auth_asym_id_2 
_pdbx_validate_rmsd_angle.auth_comp_id_2 
_pdbx_validate_rmsd_angle.auth_seq_id_2 
_pdbx_validate_rmsd_angle.PDB_ins_code_2 
_pdbx_validate_rmsd_angle.label_alt_id_2 
_pdbx_validate_rmsd_angle.auth_atom_id_3 
_pdbx_validate_rmsd_angle.auth_asym_id_3 
_pdbx_validate_rmsd_angle.auth_comp_id_3 
_pdbx_validate_rmsd_angle.auth_seq_id_3 
_pdbx_validate_rmsd_angle.PDB_ins_code_3 
_pdbx_validate_rmsd_angle.label_alt_id_3 
_pdbx_validate_rmsd_angle.angle_value 
_pdbx_validate_rmsd_angle.angle_target_value 
_pdbx_validate_rmsd_angle.angle_deviation 
_pdbx_validate_rmsd_angle.angle_standard_deviation 
_pdbx_validate_rmsd_angle.linker_flag 
1 1 "O4'" X DG 1004 ? ? "C1'" X DG  1004 ? ? N9  X DG  1004 ? ? 110.41 108.30 2.11  0.30 N 
2 1 "O3'" X DT 1005 ? ? P     X BRU 1006 ? ? OP1 X BRU 1006 ? ? 124.61 110.50 14.11 1.10 Y 
3 1 "O4'" X DG 1008 ? ? "C1'" X DG  1008 ? ? N9  X DG  1008 ? ? 110.36 108.30 2.06  0.30 N 
4 1 "O4'" X DG 1010 ? ? "C1'" X DG  1010 ? ? N9  X DG  1010 ? ? 110.52 108.30 2.22  0.30 N 
5 1 "O4'" X DT 1011 ? ? "C1'" X DT  1011 ? ? N1  X DT  1011 ? ? 110.14 108.30 1.84  0.30 N 
# 
_pdbx_unobs_or_zero_occ_residues.id               1 
_pdbx_unobs_or_zero_occ_residues.PDB_model_num    1 
_pdbx_unobs_or_zero_occ_residues.polymer_flag     Y 
_pdbx_unobs_or_zero_occ_residues.occupancy_flag   1 
_pdbx_unobs_or_zero_occ_residues.auth_asym_id     X 
_pdbx_unobs_or_zero_occ_residues.auth_comp_id     DT 
_pdbx_unobs_or_zero_occ_residues.auth_seq_id      1012 
_pdbx_unobs_or_zero_occ_residues.PDB_ins_code     ? 
_pdbx_unobs_or_zero_occ_residues.label_asym_id    A 
_pdbx_unobs_or_zero_occ_residues.label_comp_id    DT 
_pdbx_unobs_or_zero_occ_residues.label_seq_id     12 
# 
loop_
_chem_comp_atom.comp_id 
_chem_comp_atom.atom_id 
_chem_comp_atom.type_symbol 
_chem_comp_atom.pdbx_aromatic_flag 
_chem_comp_atom.pdbx_stereo_config 
_chem_comp_atom.pdbx_ordinal 
BRU N1     N  N N 1   
BRU C2     C  N N 2   
BRU N3     N  N N 3   
BRU C4     C  N N 4   
BRU C5     C  N N 5   
BRU C6     C  N N 6   
BRU O2     O  N N 7   
BRU O4     O  N N 8   
BRU BR     BR N N 9   
BRU "C1'"  C  N R 10  
BRU "C2'"  C  N N 11  
BRU "C3'"  C  N S 12  
BRU "C4'"  C  N R 13  
BRU "O3'"  O  N N 14  
BRU "O4'"  O  N N 15  
BRU "C5'"  C  N N 16  
BRU "O5'"  O  N N 17  
BRU P      P  N N 18  
BRU OP1    O  N N 19  
BRU OP2    O  N N 20  
BRU OP3    O  N N 21  
BRU HN3    H  N N 22  
BRU H6     H  N N 23  
BRU "H1'"  H  N N 24  
BRU "H2'"  H  N N 25  
BRU "H2''" H  N N 26  
BRU "H3'"  H  N N 27  
BRU "H4'"  H  N N 28  
BRU "HO3'" H  N N 29  
BRU "H5'"  H  N N 30  
BRU "H5''" H  N N 31  
BRU HOP2   H  N N 32  
BRU HOP3   H  N N 33  
CUF C1     C  Y N 34  
CUF F1     F  N N 35  
CUF N1     N  N N 36  
CUF O1     O  N N 37  
CUF CU1    CU N N 38  
CUF C2     C  Y N 39  
CUF F2     F  N N 40  
CUF N2     N  N N 41  
CUF O2     O  N N 42  
CUF C3     C  Y N 43  
CUF N3     N  N N 44  
CUF O3     O  N N 45  
CUF C4     C  Y N 46  
CUF N4     N  N N 47  
CUF O4     O  N N 48  
CUF C5     C  Y N 49  
CUF C6     C  Y N 50  
CUF C7     C  N N 51  
CUF C8     C  Y N 52  
CUF C9     C  Y N 53  
CUF C10    C  Y N 54  
CUF C11    C  Y N 55  
CUF C12    C  Y N 56  
CUF C13    C  Y N 57  
CUF C14    C  N N 58  
CUF C15    C  Y N 59  
CUF C16    C  Y N 60  
CUF C17    C  Y N 61  
CUF C18    C  Y N 62  
CUF C19    C  Y N 63  
CUF C20    C  Y N 64  
CUF C21    C  N N 65  
CUF C22    C  N N 66  
CUF C23    C  N N 67  
CUF C24    C  N N 68  
CUF C25    C  N N 69  
CUF C26    C  N N 70  
CUF C27    C  N N 71  
CUF C28    C  N N 72  
CUF C29    C  N N 73  
CUF C30    C  N N 74  
CUF C31    C  N N 75  
CUF C32    C  N N 76  
CUF C33    C  N N 77  
CUF C34    C  N N 78  
CUF H1     H  N N 79  
CUF H2     H  N N 80  
CUF H3     H  N N 81  
CUF H4     H  N N 82  
CUF H5     H  N N 83  
CUF H6     H  N N 84  
CUF H7     H  N N 85  
CUF H8     H  N N 86  
CUF H9     H  N N 87  
CUF H10    H  N N 88  
CUF H11    H  N N 89  
CUF H12    H  N N 90  
CUF H13    H  N N 91  
CUF H14    H  N N 92  
CUF H15    H  N N 93  
CUF H16    H  N N 94  
CUF H17    H  N N 95  
CUF H18    H  N N 96  
CUF H19    H  N N 97  
CUF H20    H  N N 98  
CUF H21    H  N N 99  
CUF H22    H  N N 100 
CUF H23    H  N N 101 
CUF H24    H  N N 102 
CUF H25    H  N N 103 
CUF H26    H  N N 104 
CUF H27    H  N N 105 
CUF H28    H  N N 106 
CUF H29    H  N N 107 
CUF H30    H  N N 108 
CUF H31    H  N N 109 
CUF H32    H  N N 110 
CUF H33    H  N N 111 
CUF H34    H  N N 112 
CUF H35    H  N N 113 
CUF H36    H  N N 114 
CUF H37    H  N N 115 
CUF H38    H  N N 116 
DA  OP3    O  N N 117 
DA  P      P  N N 118 
DA  OP1    O  N N 119 
DA  OP2    O  N N 120 
DA  "O5'"  O  N N 121 
DA  "C5'"  C  N N 122 
DA  "C4'"  C  N R 123 
DA  "O4'"  O  N N 124 
DA  "C3'"  C  N S 125 
DA  "O3'"  O  N N 126 
DA  "C2'"  C  N N 127 
DA  "C1'"  C  N R 128 
DA  N9     N  Y N 129 
DA  C8     C  Y N 130 
DA  N7     N  Y N 131 
DA  C5     C  Y N 132 
DA  C6     C  Y N 133 
DA  N6     N  N N 134 
DA  N1     N  Y N 135 
DA  C2     C  Y N 136 
DA  N3     N  Y N 137 
DA  C4     C  Y N 138 
DA  HOP3   H  N N 139 
DA  HOP2   H  N N 140 
DA  "H5'"  H  N N 141 
DA  "H5''" H  N N 142 
DA  "H4'"  H  N N 143 
DA  "H3'"  H  N N 144 
DA  "HO3'" H  N N 145 
DA  "H2'"  H  N N 146 
DA  "H2''" H  N N 147 
DA  "H1'"  H  N N 148 
DA  H8     H  N N 149 
DA  H61    H  N N 150 
DA  H62    H  N N 151 
DA  H2     H  N N 152 
DG  OP3    O  N N 153 
DG  P      P  N N 154 
DG  OP1    O  N N 155 
DG  OP2    O  N N 156 
DG  "O5'"  O  N N 157 
DG  "C5'"  C  N N 158 
DG  "C4'"  C  N R 159 
DG  "O4'"  O  N N 160 
DG  "C3'"  C  N S 161 
DG  "O3'"  O  N N 162 
DG  "C2'"  C  N N 163 
DG  "C1'"  C  N R 164 
DG  N9     N  Y N 165 
DG  C8     C  Y N 166 
DG  N7     N  Y N 167 
DG  C5     C  Y N 168 
DG  C6     C  N N 169 
DG  O6     O  N N 170 
DG  N1     N  N N 171 
DG  C2     C  N N 172 
DG  N2     N  N N 173 
DG  N3     N  N N 174 
DG  C4     C  Y N 175 
DG  HOP3   H  N N 176 
DG  HOP2   H  N N 177 
DG  "H5'"  H  N N 178 
DG  "H5''" H  N N 179 
DG  "H4'"  H  N N 180 
DG  "H3'"  H  N N 181 
DG  "HO3'" H  N N 182 
DG  "H2'"  H  N N 183 
DG  "H2''" H  N N 184 
DG  "H1'"  H  N N 185 
DG  H8     H  N N 186 
DG  H1     H  N N 187 
DG  H21    H  N N 188 
DG  H22    H  N N 189 
DT  OP3    O  N N 190 
DT  P      P  N N 191 
DT  OP1    O  N N 192 
DT  OP2    O  N N 193 
DT  "O5'"  O  N N 194 
DT  "C5'"  C  N N 195 
DT  "C4'"  C  N R 196 
DT  "O4'"  O  N N 197 
DT  "C3'"  C  N S 198 
DT  "O3'"  O  N N 199 
DT  "C2'"  C  N N 200 
DT  "C1'"  C  N R 201 
DT  N1     N  N N 202 
DT  C2     C  N N 203 
DT  O2     O  N N 204 
DT  N3     N  N N 205 
DT  C4     C  N N 206 
DT  O4     O  N N 207 
DT  C5     C  N N 208 
DT  C7     C  N N 209 
DT  C6     C  N N 210 
DT  HOP3   H  N N 211 
DT  HOP2   H  N N 212 
DT  "H5'"  H  N N 213 
DT  "H5''" H  N N 214 
DT  "H4'"  H  N N 215 
DT  "H3'"  H  N N 216 
DT  "HO3'" H  N N 217 
DT  "H2'"  H  N N 218 
DT  "H2''" H  N N 219 
DT  "H1'"  H  N N 220 
DT  H3     H  N N 221 
DT  H71    H  N N 222 
DT  H72    H  N N 223 
DT  H73    H  N N 224 
DT  H6     H  N N 225 
HOH O      O  N N 226 
HOH H1     H  N N 227 
HOH H2     H  N N 228 
K   K      K  N N 229 
# 
loop_
_chem_comp_bond.comp_id 
_chem_comp_bond.atom_id_1 
_chem_comp_bond.atom_id_2 
_chem_comp_bond.value_order 
_chem_comp_bond.pdbx_aromatic_flag 
_chem_comp_bond.pdbx_stereo_config 
_chem_comp_bond.pdbx_ordinal 
BRU N1    C2     sing N N 1   
BRU N1    C6     sing N N 2   
BRU N1    "C1'"  sing N N 3   
BRU C2    N3     sing N N 4   
BRU C2    O2     doub N N 5   
BRU N3    C4     sing N N 6   
BRU N3    HN3    sing N N 7   
BRU C4    C5     sing N N 8   
BRU C4    O4     doub N N 9   
BRU C5    C6     doub N N 10  
BRU C5    BR     sing N N 11  
BRU C6    H6     sing N N 12  
BRU "C1'" "C2'"  sing N N 13  
BRU "C1'" "O4'"  sing N N 14  
BRU "C1'" "H1'"  sing N N 15  
BRU "C2'" "C3'"  sing N N 16  
BRU "C2'" "H2'"  sing N N 17  
BRU "C2'" "H2''" sing N N 18  
BRU "C3'" "C4'"  sing N N 19  
BRU "C3'" "O3'"  sing N N 20  
BRU "C3'" "H3'"  sing N N 21  
BRU "C4'" "O4'"  sing N N 22  
BRU "C4'" "C5'"  sing N N 23  
BRU "C4'" "H4'"  sing N N 24  
BRU "O3'" "HO3'" sing N N 25  
BRU "C5'" "O5'"  sing N N 26  
BRU "C5'" "H5'"  sing N N 27  
BRU "C5'" "H5''" sing N N 28  
BRU "O5'" P      sing N N 29  
BRU P     OP1    doub N N 30  
BRU P     OP2    sing N N 31  
BRU P     OP3    sing N N 32  
BRU OP2   HOP2   sing N N 33  
BRU OP3   HOP3   sing N N 34  
CUF C1    O1     sing N N 35  
CUF C1    C2     doub Y N 36  
CUF C1    C6     sing Y N 37  
CUF F1    C11    sing N N 38  
CUF N1    C7     doub N N 39  
CUF N1    C8     sing N N 40  
CUF C2    C3     sing Y N 41  
CUF C2    H1     sing N N 42  
CUF F2    C10    sing N N 43  
CUF N2    C13    sing N N 44  
CUF N2    C14    doub N N 45  
CUF O2    C20    sing N N 46  
CUF C3    O3     sing N N 47  
CUF C3    C4     doub Y N 48  
CUF N3    C22    sing N N 49  
CUF N3    C23    sing N N 50  
CUF N3    C27    sing N N 51  
CUF O3    C21    sing N N 52  
CUF C4    C5     sing Y N 53  
CUF C4    H2     sing N N 54  
CUF N4    C29    sing N N 55  
CUF N4    C30    sing N N 56  
CUF N4    C34    sing N N 57  
CUF O4    C18    sing N N 58  
CUF O4    C28    sing N N 59  
CUF C5    C6     doub Y N 60  
CUF C5    H3     sing N N 61  
CUF C6    C7     sing N N 62  
CUF C7    H4     sing N N 63  
CUF C8    C9     doub Y N 64  
CUF C8    C13    sing Y N 65  
CUF C9    C10    sing Y N 66  
CUF C9    H5     sing N N 67  
CUF C10   C11    doub Y N 68  
CUF C11   C12    sing Y N 69  
CUF C12   C13    doub Y N 70  
CUF C12   H6     sing N N 71  
CUF C14   C15    sing N N 72  
CUF C14   H7     sing N N 73  
CUF C15   C16    doub Y N 74  
CUF C15   C20    sing Y N 75  
CUF C16   C17    sing Y N 76  
CUF C16   H8     sing N N 77  
CUF C17   C18    doub Y N 78  
CUF C17   H9     sing N N 79  
CUF C18   C19    sing Y N 80  
CUF C19   C20    doub Y N 81  
CUF C19   H10    sing N N 82  
CUF C21   C22    sing N N 83  
CUF C21   H11    sing N N 84  
CUF C21   H12    sing N N 85  
CUF C22   H13    sing N N 86  
CUF C22   H14    sing N N 87  
CUF C23   C24    sing N N 88  
CUF C23   H15    sing N N 89  
CUF C23   H16    sing N N 90  
CUF C24   C25    sing N N 91  
CUF C24   H17    sing N N 92  
CUF C24   H18    sing N N 93  
CUF C25   C26    sing N N 94  
CUF C25   H19    sing N N 95  
CUF C25   H20    sing N N 96  
CUF C26   C27    sing N N 97  
CUF C26   H21    sing N N 98  
CUF C26   H22    sing N N 99  
CUF C27   H23    sing N N 100 
CUF C27   H24    sing N N 101 
CUF C28   C29    sing N N 102 
CUF C28   H25    sing N N 103 
CUF C28   H26    sing N N 104 
CUF C29   H27    sing N N 105 
CUF C29   H28    sing N N 106 
CUF C30   C31    sing N N 107 
CUF C30   H29    sing N N 108 
CUF C30   H30    sing N N 109 
CUF C31   C32    sing N N 110 
CUF C31   H31    sing N N 111 
CUF C31   H32    sing N N 112 
CUF C32   C33    sing N N 113 
CUF C32   H33    sing N N 114 
CUF C32   H34    sing N N 115 
CUF C33   C34    sing N N 116 
CUF C33   H35    sing N N 117 
CUF C33   H36    sing N N 118 
CUF C34   H37    sing N N 119 
CUF C34   H38    sing N N 120 
CUF O2    CU1    sing N N 121 
CUF O1    CU1    sing N N 122 
CUF N1    CU1    sing N N 123 
CUF N2    CU1    sing N N 124 
DA  OP3   P      sing N N 125 
DA  OP3   HOP3   sing N N 126 
DA  P     OP1    doub N N 127 
DA  P     OP2    sing N N 128 
DA  P     "O5'"  sing N N 129 
DA  OP2   HOP2   sing N N 130 
DA  "O5'" "C5'"  sing N N 131 
DA  "C5'" "C4'"  sing N N 132 
DA  "C5'" "H5'"  sing N N 133 
DA  "C5'" "H5''" sing N N 134 
DA  "C4'" "O4'"  sing N N 135 
DA  "C4'" "C3'"  sing N N 136 
DA  "C4'" "H4'"  sing N N 137 
DA  "O4'" "C1'"  sing N N 138 
DA  "C3'" "O3'"  sing N N 139 
DA  "C3'" "C2'"  sing N N 140 
DA  "C3'" "H3'"  sing N N 141 
DA  "O3'" "HO3'" sing N N 142 
DA  "C2'" "C1'"  sing N N 143 
DA  "C2'" "H2'"  sing N N 144 
DA  "C2'" "H2''" sing N N 145 
DA  "C1'" N9     sing N N 146 
DA  "C1'" "H1'"  sing N N 147 
DA  N9    C8     sing Y N 148 
DA  N9    C4     sing Y N 149 
DA  C8    N7     doub Y N 150 
DA  C8    H8     sing N N 151 
DA  N7    C5     sing Y N 152 
DA  C5    C6     sing Y N 153 
DA  C5    C4     doub Y N 154 
DA  C6    N6     sing N N 155 
DA  C6    N1     doub Y N 156 
DA  N6    H61    sing N N 157 
DA  N6    H62    sing N N 158 
DA  N1    C2     sing Y N 159 
DA  C2    N3     doub Y N 160 
DA  C2    H2     sing N N 161 
DA  N3    C4     sing Y N 162 
DG  OP3   P      sing N N 163 
DG  OP3   HOP3   sing N N 164 
DG  P     OP1    doub N N 165 
DG  P     OP2    sing N N 166 
DG  P     "O5'"  sing N N 167 
DG  OP2   HOP2   sing N N 168 
DG  "O5'" "C5'"  sing N N 169 
DG  "C5'" "C4'"  sing N N 170 
DG  "C5'" "H5'"  sing N N 171 
DG  "C5'" "H5''" sing N N 172 
DG  "C4'" "O4'"  sing N N 173 
DG  "C4'" "C3'"  sing N N 174 
DG  "C4'" "H4'"  sing N N 175 
DG  "O4'" "C1'"  sing N N 176 
DG  "C3'" "O3'"  sing N N 177 
DG  "C3'" "C2'"  sing N N 178 
DG  "C3'" "H3'"  sing N N 179 
DG  "O3'" "HO3'" sing N N 180 
DG  "C2'" "C1'"  sing N N 181 
DG  "C2'" "H2'"  sing N N 182 
DG  "C2'" "H2''" sing N N 183 
DG  "C1'" N9     sing N N 184 
DG  "C1'" "H1'"  sing N N 185 
DG  N9    C8     sing Y N 186 
DG  N9    C4     sing Y N 187 
DG  C8    N7     doub Y N 188 
DG  C8    H8     sing N N 189 
DG  N7    C5     sing Y N 190 
DG  C5    C6     sing N N 191 
DG  C5    C4     doub Y N 192 
DG  C6    O6     doub N N 193 
DG  C6    N1     sing N N 194 
DG  N1    C2     sing N N 195 
DG  N1    H1     sing N N 196 
DG  C2    N2     sing N N 197 
DG  C2    N3     doub N N 198 
DG  N2    H21    sing N N 199 
DG  N2    H22    sing N N 200 
DG  N3    C4     sing N N 201 
DT  OP3   P      sing N N 202 
DT  OP3   HOP3   sing N N 203 
DT  P     OP1    doub N N 204 
DT  P     OP2    sing N N 205 
DT  P     "O5'"  sing N N 206 
DT  OP2   HOP2   sing N N 207 
DT  "O5'" "C5'"  sing N N 208 
DT  "C5'" "C4'"  sing N N 209 
DT  "C5'" "H5'"  sing N N 210 
DT  "C5'" "H5''" sing N N 211 
DT  "C4'" "O4'"  sing N N 212 
DT  "C4'" "C3'"  sing N N 213 
DT  "C4'" "H4'"  sing N N 214 
DT  "O4'" "C1'"  sing N N 215 
DT  "C3'" "O3'"  sing N N 216 
DT  "C3'" "C2'"  sing N N 217 
DT  "C3'" "H3'"  sing N N 218 
DT  "O3'" "HO3'" sing N N 219 
DT  "C2'" "C1'"  sing N N 220 
DT  "C2'" "H2'"  sing N N 221 
DT  "C2'" "H2''" sing N N 222 
DT  "C1'" N1     sing N N 223 
DT  "C1'" "H1'"  sing N N 224 
DT  N1    C2     sing N N 225 
DT  N1    C6     sing N N 226 
DT  C2    O2     doub N N 227 
DT  C2    N3     sing N N 228 
DT  N3    C4     sing N N 229 
DT  N3    H3     sing N N 230 
DT  C4    O4     doub N N 231 
DT  C4    C5     sing N N 232 
DT  C5    C7     sing N N 233 
DT  C5    C6     doub N N 234 
DT  C7    H71    sing N N 235 
DT  C7    H72    sing N N 236 
DT  C7    H73    sing N N 237 
DT  C6    H6     sing N N 238 
HOH O     H1     sing N N 239 
HOH O     H2     sing N N 240 
# 
loop_
_ndb_struct_conf_na.entry_id 
_ndb_struct_conf_na.feature 
3QSC 'double helix'         
3QSC 'parallel strands'     
3QSC 'mismatched base pair' 
# 
loop_
_ndb_struct_na_base_pair.model_number 
_ndb_struct_na_base_pair.i_label_asym_id 
_ndb_struct_na_base_pair.i_label_comp_id 
_ndb_struct_na_base_pair.i_label_seq_id 
_ndb_struct_na_base_pair.i_symmetry 
_ndb_struct_na_base_pair.j_label_asym_id 
_ndb_struct_na_base_pair.j_label_comp_id 
_ndb_struct_na_base_pair.j_label_seq_id 
_ndb_struct_na_base_pair.j_symmetry 
_ndb_struct_na_base_pair.shear 
_ndb_struct_na_base_pair.stretch 
_ndb_struct_na_base_pair.stagger 
_ndb_struct_na_base_pair.buckle 
_ndb_struct_na_base_pair.propeller 
_ndb_struct_na_base_pair.opening 
_ndb_struct_na_base_pair.pair_number 
_ndb_struct_na_base_pair.pair_name 
_ndb_struct_na_base_pair.i_auth_asym_id 
_ndb_struct_na_base_pair.i_auth_seq_id 
_ndb_struct_na_base_pair.i_PDB_ins_code 
_ndb_struct_na_base_pair.j_auth_asym_id 
_ndb_struct_na_base_pair.j_auth_seq_id 
_ndb_struct_na_base_pair.j_PDB_ins_code 
_ndb_struct_na_base_pair.hbond_type_28 
_ndb_struct_na_base_pair.hbond_type_12 
1 A DG 2 1_555 A DG 8  1_555 1.683 3.337 0.106  -10.727 -7.835 -91.675 1 X_DG1002:DG1008_X X 1002 ? X 1008 ? 6 3 
1 A DG 3 1_555 A DG 9  1_555 1.580 3.504 0.358  -13.710 11.153 -90.009 2 X_DG1003:DG1009_X X 1003 ? X 1009 ? 6 3 
1 A DG 4 1_555 A DG 10 1_555 1.759 3.629 -0.317 4.514   -3.290 -87.550 3 X_DG1004:DG1010_X X 1004 ? X 1010 ? 6 3 
# 
loop_
_ndb_struct_na_base_pair_step.model_number 
_ndb_struct_na_base_pair_step.i_label_asym_id_1 
_ndb_struct_na_base_pair_step.i_label_comp_id_1 
_ndb_struct_na_base_pair_step.i_label_seq_id_1 
_ndb_struct_na_base_pair_step.i_symmetry_1 
_ndb_struct_na_base_pair_step.j_label_asym_id_1 
_ndb_struct_na_base_pair_step.j_label_comp_id_1 
_ndb_struct_na_base_pair_step.j_label_seq_id_1 
_ndb_struct_na_base_pair_step.j_symmetry_1 
_ndb_struct_na_base_pair_step.i_label_asym_id_2 
_ndb_struct_na_base_pair_step.i_label_comp_id_2 
_ndb_struct_na_base_pair_step.i_label_seq_id_2 
_ndb_struct_na_base_pair_step.i_symmetry_2 
_ndb_struct_na_base_pair_step.j_label_asym_id_2 
_ndb_struct_na_base_pair_step.j_label_comp_id_2 
_ndb_struct_na_base_pair_step.j_label_seq_id_2 
_ndb_struct_na_base_pair_step.j_symmetry_2 
_ndb_struct_na_base_pair_step.shift 
_ndb_struct_na_base_pair_step.slide 
_ndb_struct_na_base_pair_step.rise 
_ndb_struct_na_base_pair_step.tilt 
_ndb_struct_na_base_pair_step.roll 
_ndb_struct_na_base_pair_step.twist 
_ndb_struct_na_base_pair_step.x_displacement 
_ndb_struct_na_base_pair_step.y_displacement 
_ndb_struct_na_base_pair_step.helical_rise 
_ndb_struct_na_base_pair_step.inclination 
_ndb_struct_na_base_pair_step.tip 
_ndb_struct_na_base_pair_step.helical_twist 
_ndb_struct_na_base_pair_step.step_number 
_ndb_struct_na_base_pair_step.step_name 
_ndb_struct_na_base_pair_step.i_auth_asym_id_1 
_ndb_struct_na_base_pair_step.i_auth_seq_id_1 
_ndb_struct_na_base_pair_step.i_PDB_ins_code_1 
_ndb_struct_na_base_pair_step.j_auth_asym_id_1 
_ndb_struct_na_base_pair_step.j_auth_seq_id_1 
_ndb_struct_na_base_pair_step.j_PDB_ins_code_1 
_ndb_struct_na_base_pair_step.i_auth_asym_id_2 
_ndb_struct_na_base_pair_step.i_auth_seq_id_2 
_ndb_struct_na_base_pair_step.i_PDB_ins_code_2 
_ndb_struct_na_base_pair_step.j_auth_asym_id_2 
_ndb_struct_na_base_pair_step.j_auth_seq_id_2 
_ndb_struct_na_base_pair_step.j_PDB_ins_code_2 
1 A DG 2 1_555 A DG 8 1_555 A DG 3 1_555 A DG 9  1_555 -0.770 -1.056 3.609 -1.664 -0.197 32.079 -1.870 1.060 3.649 -0.356 3.009   
32.122 1 XX_DG1002DG1003:DG1009DG1008_XX X 1002 ? X 1008 ? X 1003 ? X 1009 ? 
1 A DG 3 1_555 A DG 9 1_555 A DG 4 1_555 A DG 10 1_555 -0.565 -0.413 2.998 5.732  2.590  24.743 -1.594 2.738 2.743 5.922  -13.107 
25.518 2 XX_DG1003DG1004:DG1010DG1009_XX X 1003 ? X 1009 ? X 1004 ? X 1010 ? 
# 
loop_
_pdbx_entity_nonpoly.entity_id 
_pdbx_entity_nonpoly.name 
_pdbx_entity_nonpoly.comp_id 
2 'POTASSIUM ION' K   
3 
;[2,2'-{(4,5-difluorobenzene-1,2-diyl)bis[(nitrilo-kappaN)methylylidene]}bis{5-[2-(piperidin-1-yl)ethoxy]phenolato-kappaO}(2-)]copper (II)
;
CUF 
4 water HOH 
# 
_pdbx_initial_refinement_model.id               1 
_pdbx_initial_refinement_model.entity_id_list   ? 
_pdbx_initial_refinement_model.type             'experimental model' 
_pdbx_initial_refinement_model.source_name      PDB 
_pdbx_initial_refinement_model.accession_code   1K8P 
_pdbx_initial_refinement_model.details          ? 
# 
